data_1OY0
#
_entry.id   1OY0
#
_cell.length_a   106.8
_cell.length_b   106.8
_cell.length_c   224.4
_cell.angle_alpha   90.00
_cell.angle_beta   90.00
_cell.angle_gamma   120.00
#
_symmetry.space_group_name_H-M   'P 32 2 1'
#
loop_
_entity.id
_entity.type
_entity.pdbx_description
1 polymer 'Ketopantoate hydroxymethyltransferase'
2 non-polymer 'MAGNESIUM ION'
3 water water
#
_entity_poly.entity_id   1
_entity_poly.type   'polypeptide(L)'
_entity_poly.pdbx_seq_one_letter_code
;MSEQTIYGANTPGGSGPRTKIRTHHLQRWKADGHKWAMLTAYDYSTARIFDEAGIPVLLVGDSAANVVYGYDTTVPISID
ELIPLVRGVVRGAPHALVVADLPFGSYEAGPTAALAAATRFLKDGGAHAVKLEGGERVAEQIACLTAAGIPVMAHIGFTP
QSVNTLGGFRVQGRGDAAEQTIADAIAVAEAGAFAVVMEMVPAELATQITGKLTIPTVGIGAGPNCDGQVLVWQDMAGFS
GAKTARFVKRYADVGGELRRAAMQYAQEVAGGVFPADEHSF
;
_entity_poly.pdbx_strand_id   A,B,C,D,E
#
# COMPACT_ATOMS: atom_id res chain seq x y z
N ARG A 18 30.17 -11.11 31.75
CA ARG A 18 30.86 -12.14 30.92
C ARG A 18 30.66 -11.85 29.43
N THR A 19 30.44 -12.90 28.65
CA THR A 19 30.27 -12.73 27.20
C THR A 19 28.82 -12.83 26.71
N LYS A 20 28.47 -11.90 25.82
CA LYS A 20 27.14 -11.88 25.22
C LYS A 20 27.16 -12.71 23.95
N ILE A 21 26.39 -13.79 23.94
CA ILE A 21 26.34 -14.67 22.79
C ILE A 21 25.92 -13.94 21.52
N ARG A 22 26.66 -14.19 20.44
CA ARG A 22 26.38 -13.59 19.14
C ARG A 22 26.25 -14.76 18.18
N THR A 23 25.68 -14.50 17.00
CA THR A 23 25.52 -15.57 16.03
C THR A 23 26.81 -16.27 15.65
N HIS A 24 27.90 -15.52 15.50
CA HIS A 24 29.16 -16.15 15.12
C HIS A 24 29.58 -17.22 16.12
N HIS A 25 29.20 -17.03 17.38
CA HIS A 25 29.54 -18.00 18.40
C HIS A 25 28.98 -19.37 18.06
N LEU A 26 27.73 -19.38 17.58
CA LEU A 26 27.09 -20.62 17.23
C LEU A 26 27.85 -21.30 16.09
N GLN A 27 28.42 -20.47 15.22
CA GLN A 27 29.17 -20.98 14.08
C GLN A 27 30.48 -21.61 14.60
N ARG A 28 31.19 -20.89 15.46
CA ARG A 28 32.43 -21.39 16.03
C ARG A 28 32.15 -22.72 16.70
N TRP A 29 31.10 -22.76 17.50
CA TRP A 29 30.72 -23.98 18.20
C TRP A 29 30.49 -25.17 17.28
N LYS A 30 29.96 -24.93 16.08
CA LYS A 30 29.73 -26.03 15.15
C LYS A 30 31.11 -26.55 14.75
N ALA A 31 32.05 -25.63 14.61
CA ALA A 31 33.41 -25.98 14.24
C ALA A 31 34.09 -26.76 15.36
N ASP A 32 34.03 -26.24 16.57
CA ASP A 32 34.65 -26.90 17.71
C ASP A 32 33.88 -28.13 18.17
N GLY A 33 32.74 -28.39 17.53
CA GLY A 33 31.94 -29.54 17.89
C GLY A 33 31.21 -29.39 19.22
N HIS A 34 31.01 -28.14 19.64
CA HIS A 34 30.30 -27.86 20.89
C HIS A 34 28.77 -27.84 20.67
N LYS A 35 28.08 -28.80 21.28
CA LYS A 35 26.64 -28.88 21.15
C LYS A 35 26.01 -27.96 22.19
N TRP A 36 25.38 -26.89 21.71
CA TRP A 36 24.73 -25.92 22.59
C TRP A 36 23.24 -26.13 22.75
N ALA A 37 22.69 -25.61 23.85
CA ALA A 37 21.28 -25.77 24.17
C ALA A 37 20.49 -24.47 24.03
N MET A 38 19.31 -24.60 23.43
CA MET A 38 18.43 -23.47 23.23
C MET A 38 17.14 -23.73 23.98
N LEU A 39 16.69 -22.73 24.71
CA LEU A 39 15.48 -22.85 25.49
C LEU A 39 14.49 -21.76 25.11
N THR A 40 13.22 -22.12 25.13
CA THR A 40 12.17 -21.16 24.80
C THR A 40 11.94 -20.32 26.07
N ALA A 41 11.58 -19.05 25.89
CA ALA A 41 11.35 -18.16 27.04
C ALA A 41 10.32 -17.12 26.65
N TYR A 42 9.47 -16.70 27.58
CA TYR A 42 8.43 -15.74 27.24
C TYR A 42 8.21 -14.61 28.22
N ASP A 43 9.08 -14.48 29.22
CA ASP A 43 8.95 -13.38 30.16
C ASP A 43 10.27 -13.03 30.83
N TYR A 44 10.31 -11.88 31.48
CA TYR A 44 11.50 -11.39 32.15
C TYR A 44 12.11 -12.31 33.19
N SER A 45 11.30 -12.74 34.15
CA SER A 45 11.76 -13.62 35.22
C SER A 45 12.31 -14.94 34.73
N THR A 46 11.68 -15.52 33.72
CA THR A 46 12.13 -16.80 33.19
C THR A 46 13.46 -16.59 32.49
N ALA A 47 13.52 -15.58 31.64
CA ALA A 47 14.75 -15.27 30.93
C ALA A 47 15.90 -15.03 31.89
N ARG A 48 15.64 -14.27 32.96
CA ARG A 48 16.67 -13.98 33.94
C ARG A 48 17.27 -15.30 34.47
N ILE A 49 16.40 -16.25 34.78
CA ILE A 49 16.83 -17.54 35.29
C ILE A 49 17.68 -18.28 34.26
N PHE A 50 17.17 -18.45 33.05
CA PHE A 50 17.93 -19.15 32.01
C PHE A 50 19.24 -18.44 31.70
N ASP A 51 19.26 -17.12 31.81
CA ASP A 51 20.49 -16.37 31.54
C ASP A 51 21.54 -16.70 32.59
N GLU A 52 21.17 -16.60 33.87
CA GLU A 52 22.11 -16.91 34.94
C GLU A 52 22.29 -18.42 35.09
N ALA A 53 21.68 -19.19 34.19
CA ALA A 53 21.81 -20.64 34.20
C ALA A 53 22.75 -20.99 33.06
N GLY A 54 23.17 -19.96 32.33
CA GLY A 54 24.07 -20.16 31.22
C GLY A 54 23.51 -20.45 29.84
N ILE A 55 22.18 -20.52 29.69
CA ILE A 55 21.63 -20.79 28.37
C ILE A 55 22.06 -19.66 27.42
N PRO A 56 22.74 -20.03 26.32
CA PRO A 56 23.23 -19.09 25.32
C PRO A 56 22.20 -18.48 24.38
N VAL A 57 21.19 -19.26 24.02
CA VAL A 57 20.17 -18.79 23.10
C VAL A 57 18.75 -18.96 23.62
N LEU A 58 17.98 -17.88 23.56
CA LEU A 58 16.59 -17.90 24.01
C LEU A 58 15.62 -17.63 22.86
N LEU A 59 14.59 -18.45 22.76
CA LEU A 59 13.60 -18.32 21.71
C LEU A 59 12.23 -17.86 22.21
N VAL A 60 11.83 -16.64 21.87
CA VAL A 60 10.51 -16.18 22.26
C VAL A 60 9.63 -16.77 21.17
N GLY A 61 9.26 -18.03 21.37
CA GLY A 61 8.46 -18.75 20.41
C GLY A 61 7.02 -18.35 20.26
N ASP A 62 6.39 -18.86 19.25
CA ASP A 62 5.00 -18.57 18.97
C ASP A 62 4.30 -19.68 19.71
N SER A 63 5.11 -20.54 20.30
CA SER A 63 4.60 -21.64 21.07
C SER A 63 3.97 -20.96 22.29
N ALA A 64 4.26 -19.67 22.44
CA ALA A 64 3.72 -18.88 23.53
C ALA A 64 2.20 -18.87 23.40
N ALA A 65 1.74 -19.05 22.17
CA ALA A 65 0.32 -19.08 21.86
C ALA A 65 -0.39 -20.07 22.79
N ASN A 66 0.25 -21.22 22.99
CA ASN A 66 -0.32 -22.26 23.85
C ASN A 66 0.02 -22.01 25.31
N VAL A 67 1.30 -22.13 25.66
CA VAL A 67 1.73 -21.96 27.03
C VAL A 67 1.48 -20.63 27.68
N VAL A 68 1.44 -19.55 26.90
CA VAL A 68 1.19 -18.25 27.51
C VAL A 68 -0.26 -17.80 27.41
N TYR A 69 -0.83 -17.92 26.23
CA TYR A 69 -2.19 -17.45 26.04
C TYR A 69 -3.31 -18.46 26.00
N GLY A 70 -2.98 -19.74 26.04
CA GLY A 70 -4.02 -20.75 26.05
C GLY A 70 -4.71 -21.03 24.72
N TYR A 71 -4.09 -20.67 23.62
CA TYR A 71 -4.66 -20.95 22.30
C TYR A 71 -4.32 -22.41 22.07
N ASP A 72 -5.21 -23.14 21.40
CA ASP A 72 -4.93 -24.55 21.15
C ASP A 72 -4.10 -24.71 19.87
N THR A 73 -3.67 -23.58 19.33
CA THR A 73 -2.87 -23.58 18.11
C THR A 73 -1.94 -22.36 18.09
N THR A 74 -1.10 -22.29 17.07
CA THR A 74 -0.18 -21.18 16.94
C THR A 74 -0.65 -20.28 15.81
N VAL A 75 -1.87 -20.52 15.36
CA VAL A 75 -2.42 -19.75 14.27
C VAL A 75 -2.93 -18.38 14.68
N PRO A 76 -3.59 -18.29 15.84
CA PRO A 76 -4.13 -17.02 16.29
C PRO A 76 -3.20 -15.97 16.87
N ILE A 77 -2.10 -16.39 17.49
CA ILE A 77 -1.21 -15.41 18.11
C ILE A 77 -0.76 -14.29 17.16
N SER A 78 -0.80 -13.06 17.65
CA SER A 78 -0.42 -11.90 16.86
C SER A 78 0.92 -11.31 17.24
N ILE A 79 1.46 -10.48 16.36
CA ILE A 79 2.73 -9.83 16.62
C ILE A 79 2.65 -9.07 17.92
N ASP A 80 1.52 -8.40 18.16
CA ASP A 80 1.38 -7.61 19.38
C ASP A 80 1.32 -8.43 20.68
N GLU A 81 1.02 -9.71 20.56
CA GLU A 81 0.99 -10.59 21.72
C GLU A 81 2.39 -11.12 21.96
N LEU A 82 3.30 -10.80 21.06
CA LEU A 82 4.68 -11.26 21.18
C LEU A 82 5.69 -10.18 21.48
N ILE A 83 5.67 -9.08 20.72
CA ILE A 83 6.63 -8.00 20.93
C ILE A 83 6.82 -7.62 22.41
N PRO A 84 5.72 -7.39 23.14
CA PRO A 84 5.93 -7.02 24.54
C PRO A 84 6.62 -8.12 25.34
N LEU A 85 6.42 -9.37 24.97
CA LEU A 85 7.07 -10.48 25.66
C LEU A 85 8.55 -10.49 25.30
N VAL A 86 8.86 -10.22 24.03
CA VAL A 86 10.23 -10.19 23.57
C VAL A 86 10.97 -9.14 24.37
N ARG A 87 10.39 -7.96 24.50
CA ARG A 87 11.05 -6.89 25.24
C ARG A 87 11.41 -7.39 26.63
N GLY A 88 10.49 -8.12 27.25
CA GLY A 88 10.73 -8.64 28.59
C GLY A 88 11.87 -9.64 28.61
N VAL A 89 11.86 -10.56 27.67
CA VAL A 89 12.91 -11.56 27.59
C VAL A 89 14.25 -10.89 27.30
N VAL A 90 14.24 -9.89 26.44
CA VAL A 90 15.46 -9.19 26.11
C VAL A 90 16.07 -8.54 27.34
N ARG A 91 15.22 -8.03 28.23
CA ARG A 91 15.69 -7.39 29.44
C ARG A 91 16.19 -8.41 30.46
N GLY A 92 15.63 -9.61 30.43
CA GLY A 92 16.03 -10.63 31.38
C GLY A 92 17.25 -11.44 31.07
N ALA A 93 17.65 -11.50 29.79
CA ALA A 93 18.82 -12.27 29.39
C ALA A 93 19.84 -11.43 28.65
N PRO A 94 20.62 -10.63 29.39
CA PRO A 94 21.65 -9.74 28.87
C PRO A 94 22.78 -10.47 28.15
N HIS A 95 22.96 -11.75 28.44
CA HIS A 95 24.03 -12.51 27.82
C HIS A 95 23.59 -13.45 26.73
N ALA A 96 22.29 -13.69 26.64
CA ALA A 96 21.77 -14.59 25.64
C ALA A 96 21.49 -13.94 24.30
N LEU A 97 21.46 -14.77 23.25
CA LEU A 97 21.13 -14.31 21.92
C LEU A 97 19.63 -14.55 21.88
N VAL A 98 18.85 -13.48 21.92
CA VAL A 98 17.40 -13.60 21.91
C VAL A 98 16.83 -13.61 20.51
N VAL A 99 16.13 -14.69 20.18
CA VAL A 99 15.51 -14.84 18.86
C VAL A 99 13.99 -14.70 18.95
N ALA A 100 13.45 -13.82 18.12
CA ALA A 100 12.02 -13.58 18.10
C ALA A 100 11.42 -14.30 16.91
N ASP A 101 10.39 -15.05 17.21
CA ASP A 101 9.65 -15.86 16.27
C ASP A 101 8.57 -15.09 15.52
N LEU A 102 8.58 -15.17 14.19
CA LEU A 102 7.58 -14.46 13.42
C LEU A 102 6.27 -15.26 13.42
N PRO A 103 5.18 -14.63 13.88
CA PRO A 103 3.84 -15.21 13.98
C PRO A 103 3.28 -15.60 12.63
N PHE A 104 2.36 -16.57 12.64
CA PHE A 104 1.72 -17.02 11.42
C PHE A 104 1.08 -15.86 10.68
N GLY A 105 1.32 -15.78 9.37
CA GLY A 105 0.73 -14.73 8.58
C GLY A 105 1.53 -13.46 8.42
N SER A 106 2.55 -13.27 9.26
CA SER A 106 3.35 -12.05 9.19
C SER A 106 4.47 -12.00 8.12
N TYR A 107 4.73 -13.10 7.41
CA TYR A 107 5.81 -13.17 6.39
C TYR A 107 5.49 -14.00 5.16
N GLU A 108 4.34 -14.65 5.18
CA GLU A 108 4.01 -15.48 4.05
C GLU A 108 3.70 -14.65 2.80
N ALA A 109 3.29 -13.40 2.98
CA ALA A 109 2.96 -12.56 1.84
C ALA A 109 4.15 -12.24 0.94
N GLY A 110 5.35 -12.24 1.51
CA GLY A 110 6.52 -11.92 0.73
C GLY A 110 7.57 -11.18 1.54
N PRO A 111 8.69 -10.78 0.92
CA PRO A 111 9.78 -10.08 1.59
C PRO A 111 9.37 -8.80 2.30
N THR A 112 8.68 -7.93 1.59
CA THR A 112 8.25 -6.66 2.14
C THR A 112 7.54 -6.84 3.48
N ALA A 113 6.54 -7.70 3.51
CA ALA A 113 5.80 -7.96 4.74
C ALA A 113 6.75 -8.49 5.80
N ALA A 114 7.45 -9.57 5.47
CA ALA A 114 8.40 -10.20 6.39
C ALA A 114 9.41 -9.21 6.94
N LEU A 115 9.94 -8.34 6.08
CA LEU A 115 10.91 -7.35 6.53
C LEU A 115 10.32 -6.38 7.54
N ALA A 116 9.11 -5.91 7.26
CA ALA A 116 8.46 -4.98 8.17
C ALA A 116 8.25 -5.64 9.53
N ALA A 117 7.77 -6.88 9.51
CA ALA A 117 7.52 -7.63 10.73
C ALA A 117 8.81 -7.81 11.54
N ALA A 118 9.84 -8.31 10.89
CA ALA A 118 11.12 -8.54 11.54
C ALA A 118 11.67 -7.24 12.12
N THR A 119 11.58 -6.17 11.33
CA THR A 119 12.07 -4.87 11.77
C THR A 119 11.40 -4.44 13.07
N ARG A 120 10.13 -4.81 13.24
CA ARG A 120 9.42 -4.45 14.46
C ARG A 120 10.02 -5.20 15.61
N PHE A 121 10.29 -6.48 15.41
CA PHE A 121 10.86 -7.31 16.45
C PHE A 121 12.25 -6.85 16.89
N LEU A 122 13.00 -6.24 15.98
CA LEU A 122 14.31 -5.76 16.35
C LEU A 122 14.27 -4.37 16.95
N LYS A 123 13.71 -3.41 16.21
CA LYS A 123 13.64 -2.03 16.68
C LYS A 123 12.77 -1.85 17.93
N ASP A 124 11.67 -2.61 17.99
CA ASP A 124 10.75 -2.49 19.11
C ASP A 124 11.02 -3.58 20.13
N GLY A 125 10.91 -4.84 19.70
CA GLY A 125 11.12 -5.95 20.60
C GLY A 125 12.52 -6.01 21.18
N GLY A 126 13.49 -5.50 20.44
CA GLY A 126 14.85 -5.52 20.94
C GLY A 126 15.54 -6.84 20.70
N ALA A 127 14.88 -7.70 19.91
CA ALA A 127 15.44 -9.01 19.59
C ALA A 127 16.74 -8.84 18.82
N HIS A 128 17.53 -9.91 18.79
CA HIS A 128 18.80 -9.90 18.06
C HIS A 128 18.62 -10.60 16.72
N ALA A 129 17.65 -11.51 16.67
CA ALA A 129 17.38 -12.26 15.46
C ALA A 129 15.94 -12.73 15.46
N VAL A 130 15.46 -13.18 14.32
CA VAL A 130 14.09 -13.67 14.22
C VAL A 130 14.08 -15.07 13.62
N LYS A 131 13.02 -15.82 13.89
CA LYS A 131 12.89 -17.17 13.36
C LYS A 131 11.75 -17.16 12.35
N LEU A 132 12.05 -17.59 11.13
CA LEU A 132 11.08 -17.62 10.04
C LEU A 132 10.84 -19.08 9.68
N GLU A 133 9.63 -19.57 9.90
CA GLU A 133 9.34 -20.96 9.59
C GLU A 133 8.97 -21.15 8.13
N GLY A 134 9.58 -22.14 7.49
CA GLY A 134 9.29 -22.42 6.10
C GLY A 134 10.43 -23.04 5.33
N GLY A 135 10.12 -23.56 4.15
CA GLY A 135 11.13 -24.18 3.30
C GLY A 135 11.50 -23.28 2.14
N GLU A 136 11.77 -23.88 0.99
CA GLU A 136 12.15 -23.13 -0.21
C GLU A 136 11.25 -21.92 -0.42
N ARG A 137 9.95 -22.14 -0.30
CA ARG A 137 8.96 -21.09 -0.49
C ARG A 137 9.26 -19.79 0.26
N VAL A 138 10.12 -19.87 1.28
CA VAL A 138 10.42 -18.71 2.11
C VAL A 138 11.83 -18.14 1.92
N ALA A 139 12.57 -18.70 0.97
CA ALA A 139 13.93 -18.25 0.72
C ALA A 139 13.99 -16.75 0.41
N GLU A 140 13.06 -16.30 -0.43
CA GLU A 140 13.05 -14.90 -0.81
C GLU A 140 13.00 -14.01 0.43
N GLN A 141 12.13 -14.35 1.37
CA GLN A 141 12.00 -13.57 2.59
C GLN A 141 13.27 -13.62 3.41
N ILE A 142 13.83 -14.82 3.59
CA ILE A 142 15.04 -14.95 4.36
C ILE A 142 16.16 -14.10 3.75
N ALA A 143 16.25 -14.12 2.42
CA ALA A 143 17.28 -13.34 1.75
C ALA A 143 17.12 -11.84 2.00
N CYS A 144 15.90 -11.32 1.86
CA CYS A 144 15.67 -9.89 2.08
C CYS A 144 16.10 -9.48 3.50
N LEU A 145 15.62 -10.19 4.51
CA LEU A 145 15.98 -9.87 5.88
C LEU A 145 17.50 -9.94 6.09
N THR A 146 18.07 -11.07 5.69
CA THR A 146 19.50 -11.29 5.84
C THR A 146 20.30 -10.17 5.20
N ALA A 147 19.87 -9.75 4.01
CA ALA A 147 20.55 -8.67 3.31
C ALA A 147 20.33 -7.35 4.02
N ALA A 148 19.24 -7.26 4.78
CA ALA A 148 18.92 -6.03 5.49
C ALA A 148 19.77 -5.93 6.74
N GLY A 149 20.44 -7.03 7.07
CA GLY A 149 21.27 -7.05 8.26
C GLY A 149 20.54 -7.68 9.44
N ILE A 150 19.47 -8.41 9.16
CA ILE A 150 18.69 -9.07 10.20
C ILE A 150 19.00 -10.55 10.26
N PRO A 151 19.60 -11.01 11.36
CA PRO A 151 19.94 -12.42 11.54
C PRO A 151 18.68 -13.27 11.50
N VAL A 152 18.66 -14.27 10.64
CA VAL A 152 17.48 -15.12 10.52
C VAL A 152 17.78 -16.57 10.84
N MET A 153 16.98 -17.14 11.73
CA MET A 153 17.11 -18.54 12.09
C MET A 153 16.00 -19.23 11.30
N ALA A 154 16.37 -20.17 10.45
CA ALA A 154 15.37 -20.87 9.65
C ALA A 154 14.71 -21.97 10.48
N HIS A 155 13.66 -22.55 9.93
CA HIS A 155 12.90 -23.59 10.60
C HIS A 155 12.25 -24.45 9.53
N ILE A 156 12.76 -25.67 9.36
CA ILE A 156 12.24 -26.60 8.37
C ILE A 156 11.72 -27.87 9.04
N GLY A 157 10.87 -28.60 8.34
CA GLY A 157 10.33 -29.81 8.90
C GLY A 157 10.25 -30.96 7.92
N PHE A 158 9.62 -32.05 8.35
CA PHE A 158 9.47 -33.23 7.51
C PHE A 158 7.99 -33.58 7.46
N THR A 159 7.42 -33.56 6.26
CA THR A 159 6.00 -33.86 6.11
C THR A 159 5.79 -34.96 5.07
N PRO A 160 5.66 -36.22 5.54
CA PRO A 160 5.44 -37.39 4.67
C PRO A 160 4.40 -37.18 3.57
N GLY A 175 9.56 -40.55 2.00
CA GLY A 175 9.93 -40.66 0.59
C GLY A 175 10.38 -39.33 0.00
N ASP A 176 9.58 -38.78 -0.91
CA ASP A 176 9.90 -37.49 -1.53
C ASP A 176 10.06 -36.44 -0.44
N ALA A 177 9.39 -36.68 0.68
CA ALA A 177 9.43 -35.78 1.81
C ALA A 177 10.87 -35.47 2.21
N ALA A 178 11.68 -36.52 2.37
CA ALA A 178 13.07 -36.36 2.75
C ALA A 178 13.83 -35.50 1.76
N GLU A 179 13.42 -35.58 0.49
CA GLU A 179 14.05 -34.79 -0.55
C GLU A 179 13.77 -33.32 -0.31
N GLN A 180 12.49 -33.02 -0.10
CA GLN A 180 12.05 -31.65 0.15
C GLN A 180 12.73 -31.06 1.38
N THR A 181 12.77 -31.83 2.46
CA THR A 181 13.41 -31.39 3.69
C THR A 181 14.82 -30.91 3.34
N ILE A 182 15.52 -31.74 2.57
CA ILE A 182 16.87 -31.45 2.12
C ILE A 182 16.90 -30.18 1.28
N ALA A 183 16.00 -30.10 0.31
CA ALA A 183 15.92 -28.93 -0.55
C ALA A 183 15.73 -27.68 0.32
N ASP A 184 14.84 -27.79 1.32
CA ASP A 184 14.56 -26.68 2.21
C ASP A 184 15.81 -26.31 3.00
N ALA A 185 16.46 -27.32 3.58
CA ALA A 185 17.67 -27.09 4.36
C ALA A 185 18.69 -26.33 3.51
N ILE A 186 18.83 -26.75 2.26
CA ILE A 186 19.77 -26.11 1.35
C ILE A 186 19.33 -24.68 0.99
N ALA A 187 18.12 -24.54 0.48
CA ALA A 187 17.59 -23.24 0.11
C ALA A 187 17.66 -22.24 1.25
N VAL A 188 17.23 -22.68 2.43
CA VAL A 188 17.20 -21.85 3.61
C VAL A 188 18.60 -21.30 3.95
N ALA A 189 19.60 -22.16 3.90
CA ALA A 189 20.97 -21.75 4.20
C ALA A 189 21.48 -20.81 3.11
N GLU A 190 21.15 -21.15 1.86
CA GLU A 190 21.55 -20.33 0.72
C GLU A 190 21.00 -18.92 0.89
N ALA A 191 19.78 -18.82 1.41
CA ALA A 191 19.13 -17.53 1.62
C ALA A 191 19.86 -16.65 2.64
N GLY A 192 20.65 -17.28 3.51
CA GLY A 192 21.39 -16.51 4.49
C GLY A 192 21.18 -16.86 5.94
N ALA A 193 20.26 -17.77 6.24
CA ALA A 193 20.01 -18.17 7.62
C ALA A 193 21.31 -18.50 8.35
N PHE A 194 21.49 -17.96 9.55
CA PHE A 194 22.70 -18.23 10.32
C PHE A 194 22.61 -19.58 11.04
N ALA A 195 21.42 -20.17 11.00
CA ALA A 195 21.18 -21.47 11.63
C ALA A 195 19.81 -21.95 11.20
N VAL A 196 19.52 -23.22 11.43
CA VAL A 196 18.23 -23.76 11.05
C VAL A 196 17.69 -24.80 12.03
N VAL A 197 16.40 -24.71 12.30
CA VAL A 197 15.74 -25.62 13.22
C VAL A 197 15.11 -26.76 12.45
N MET A 198 15.39 -27.97 12.89
CA MET A 198 14.82 -29.14 12.28
C MET A 198 13.88 -29.75 13.27
N GLU A 199 12.58 -29.63 12.99
CA GLU A 199 11.55 -30.13 13.89
C GLU A 199 10.82 -31.34 13.33
N MET A 200 10.79 -32.41 14.12
CA MET A 200 10.12 -33.65 13.72
C MET A 200 10.75 -34.19 12.44
N VAL A 201 12.07 -34.22 12.42
CA VAL A 201 12.80 -34.72 11.27
C VAL A 201 13.49 -36.03 11.63
N PRO A 202 13.30 -37.07 10.79
CA PRO A 202 13.90 -38.39 11.00
C PRO A 202 15.40 -38.24 11.32
N ALA A 203 15.78 -38.73 12.51
CA ALA A 203 17.16 -38.64 12.98
C ALA A 203 18.20 -38.92 11.91
N GLU A 204 17.94 -39.92 11.07
CA GLU A 204 18.88 -40.27 10.00
C GLU A 204 19.06 -39.09 9.06
N LEU A 205 17.95 -38.61 8.51
CA LEU A 205 17.95 -37.50 7.58
C LEU A 205 18.58 -36.29 8.23
N ALA A 206 18.20 -36.07 9.48
CA ALA A 206 18.72 -34.94 10.25
C ALA A 206 20.24 -35.01 10.31
N THR A 207 20.76 -36.16 10.73
CA THR A 207 22.19 -36.38 10.86
C THR A 207 22.93 -35.88 9.63
N GLN A 208 22.46 -36.36 8.48
CA GLN A 208 23.07 -35.99 7.22
C GLN A 208 23.02 -34.48 6.99
N ILE A 209 21.80 -33.94 6.98
CA ILE A 209 21.60 -32.51 6.77
C ILE A 209 22.57 -31.72 7.65
N THR A 210 22.66 -32.14 8.90
CA THR A 210 23.55 -31.48 9.84
C THR A 210 24.97 -31.49 9.30
N GLY A 211 25.41 -32.65 8.83
CA GLY A 211 26.75 -32.76 8.28
C GLY A 211 26.89 -32.04 6.94
N LYS A 212 25.80 -31.98 6.19
CA LYS A 212 25.83 -31.33 4.89
C LYS A 212 25.78 -29.80 4.90
N LEU A 213 25.23 -29.22 5.97
CA LEU A 213 25.14 -27.77 6.05
C LEU A 213 26.34 -27.14 6.75
N THR A 214 26.64 -25.90 6.37
CA THR A 214 27.75 -25.16 6.95
C THR A 214 27.28 -24.49 8.23
N ILE A 215 25.99 -24.16 8.26
CA ILE A 215 25.39 -23.52 9.42
C ILE A 215 24.90 -24.54 10.43
N PRO A 216 24.82 -24.15 11.70
CA PRO A 216 24.36 -25.03 12.77
C PRO A 216 22.92 -25.49 12.58
N THR A 217 22.63 -26.70 13.04
CA THR A 217 21.27 -27.22 12.94
C THR A 217 20.77 -27.37 14.38
N VAL A 218 19.59 -26.85 14.67
CA VAL A 218 19.07 -26.96 16.01
C VAL A 218 17.87 -27.88 15.95
N GLY A 219 17.97 -28.99 16.66
CA GLY A 219 16.89 -29.95 16.63
C GLY A 219 15.97 -30.00 17.82
N ILE A 220 14.78 -30.51 17.53
CA ILE A 220 13.73 -30.74 18.51
C ILE A 220 12.98 -31.91 17.87
N GLY A 221 13.25 -33.10 18.39
CA GLY A 221 12.63 -34.28 17.83
C GLY A 221 13.30 -34.51 16.49
N ALA A 222 14.59 -34.21 16.42
CA ALA A 222 15.33 -34.36 15.19
C ALA A 222 16.46 -35.36 15.35
N GLY A 223 16.61 -35.89 16.57
CA GLY A 223 17.67 -36.84 16.80
C GLY A 223 18.80 -36.15 17.52
N PRO A 224 19.85 -36.87 17.92
CA PRO A 224 21.01 -36.33 18.63
C PRO A 224 22.06 -35.71 17.74
N ASN A 225 21.95 -35.92 16.43
CA ASN A 225 22.94 -35.37 15.53
C ASN A 225 22.62 -34.00 14.95
N CYS A 226 22.59 -33.02 15.84
CA CYS A 226 22.32 -31.64 15.48
C CYS A 226 23.29 -30.79 16.27
N ASP A 227 23.78 -29.73 15.66
CA ASP A 227 24.75 -28.84 16.31
C ASP A 227 24.23 -28.28 17.64
N GLY A 228 22.92 -28.28 17.81
CA GLY A 228 22.31 -27.79 19.03
C GLY A 228 20.91 -28.36 19.21
N GLN A 229 20.35 -28.17 20.40
CA GLN A 229 19.01 -28.67 20.71
C GLN A 229 18.10 -27.57 21.24
N VAL A 230 16.80 -27.73 21.03
CA VAL A 230 15.84 -26.76 21.51
C VAL A 230 14.58 -27.39 22.06
N LEU A 231 14.11 -26.89 23.19
CA LEU A 231 12.89 -27.38 23.81
C LEU A 231 12.08 -26.24 24.38
N VAL A 232 10.77 -26.43 24.47
CA VAL A 232 9.88 -25.44 25.07
C VAL A 232 10.08 -25.64 26.57
N TRP A 233 10.61 -24.62 27.25
CA TRP A 233 10.88 -24.76 28.67
C TRP A 233 9.74 -25.34 29.50
N GLN A 234 8.51 -25.09 29.10
CA GLN A 234 7.35 -25.60 29.82
C GLN A 234 7.41 -27.12 29.86
N ASP A 235 7.82 -27.73 28.76
CA ASP A 235 7.91 -29.18 28.69
C ASP A 235 9.16 -29.65 29.41
N MET A 236 10.26 -28.97 29.13
CA MET A 236 11.55 -29.29 29.72
C MET A 236 11.47 -29.36 31.24
N ALA A 237 10.66 -28.48 31.83
CA ALA A 237 10.55 -28.44 33.28
C ALA A 237 9.21 -28.92 33.84
N GLY A 238 8.44 -29.63 33.03
CA GLY A 238 7.14 -30.12 33.49
C GLY A 238 6.32 -29.01 34.11
N PHE A 239 5.90 -28.05 33.28
CA PHE A 239 5.12 -26.91 33.76
C PHE A 239 3.77 -26.90 33.06
N SER A 240 3.63 -27.71 32.01
CA SER A 240 2.39 -27.77 31.28
C SER A 240 1.93 -29.22 31.17
N GLY A 241 0.69 -29.46 31.55
CA GLY A 241 0.14 -30.81 31.48
C GLY A 241 1.08 -31.85 32.05
N ALA A 242 0.91 -33.09 31.60
CA ALA A 242 1.75 -34.17 32.07
C ALA A 242 2.18 -35.07 30.90
N LYS A 243 1.66 -34.77 29.72
CA LYS A 243 1.98 -35.56 28.54
C LYS A 243 3.26 -35.16 27.83
N THR A 244 4.39 -35.68 28.31
CA THR A 244 5.66 -35.37 27.66
C THR A 244 5.78 -36.29 26.45
N ALA A 245 5.75 -35.69 25.26
CA ALA A 245 5.86 -36.46 24.02
C ALA A 245 7.22 -37.16 23.96
N ARG A 246 7.39 -38.00 22.95
CA ARG A 246 8.65 -38.72 22.81
C ARG A 246 9.91 -37.87 22.74
N PHE A 247 9.89 -36.82 21.94
CA PHE A 247 11.08 -35.99 21.77
C PHE A 247 11.43 -35.08 22.96
N VAL A 248 10.59 -35.08 23.98
CA VAL A 248 10.84 -34.25 25.15
C VAL A 248 11.26 -35.05 26.38
N LYS A 249 12.29 -34.58 27.08
CA LYS A 249 12.73 -35.23 28.29
C LYS A 249 12.35 -34.32 29.43
N ARG A 250 11.59 -34.84 30.38
CA ARG A 250 11.14 -34.08 31.53
C ARG A 250 12.25 -33.96 32.58
N TYR A 251 12.96 -32.84 32.58
CA TYR A 251 14.07 -32.62 33.52
C TYR A 251 13.65 -32.23 34.92
N ALA A 252 12.36 -32.13 35.15
CA ALA A 252 11.85 -31.77 36.48
C ALA A 252 10.34 -31.64 36.47
N ASP A 253 9.80 -31.31 37.63
CA ASP A 253 8.36 -31.11 37.81
C ASP A 253 8.18 -29.76 38.48
N VAL A 254 8.66 -28.73 37.81
CA VAL A 254 8.58 -27.36 38.32
C VAL A 254 7.12 -26.97 38.50
N GLY A 255 6.28 -27.50 37.61
CA GLY A 255 4.85 -27.22 37.70
C GLY A 255 4.30 -27.77 38.99
N GLY A 256 4.54 -29.07 39.23
CA GLY A 256 4.06 -29.70 40.43
C GLY A 256 4.57 -28.98 41.67
N GLU A 257 5.86 -28.64 41.67
CA GLU A 257 6.47 -27.96 42.79
C GLU A 257 5.69 -26.68 43.09
N LEU A 258 5.19 -26.03 42.03
CA LEU A 258 4.44 -24.80 42.20
C LEU A 258 3.05 -25.09 42.75
N ARG A 259 2.50 -26.26 42.44
CA ARG A 259 1.19 -26.60 42.96
C ARG A 259 1.17 -26.69 44.48
N ARG A 260 2.14 -27.39 45.08
CA ARG A 260 2.13 -27.47 46.54
C ARG A 260 2.38 -26.09 47.12
N ALA A 261 3.42 -25.42 46.63
CA ALA A 261 3.73 -24.08 47.11
C ALA A 261 2.44 -23.29 47.26
N ALA A 262 1.59 -23.39 46.24
CA ALA A 262 0.32 -22.69 46.23
C ALA A 262 -0.64 -23.31 47.24
N MET A 263 -0.76 -24.63 47.18
CA MET A 263 -1.65 -25.35 48.10
C MET A 263 -1.26 -25.15 49.55
N GLN A 264 0.03 -25.19 49.84
CA GLN A 264 0.47 -24.99 51.21
C GLN A 264 0.18 -23.56 51.63
N TYR A 265 0.51 -22.63 50.75
CA TYR A 265 0.26 -21.22 51.00
C TYR A 265 -1.21 -21.03 51.37
N ALA A 266 -2.09 -21.62 50.56
CA ALA A 266 -3.53 -21.52 50.79
C ALA A 266 -3.94 -22.03 52.16
N GLN A 267 -3.46 -23.21 52.51
CA GLN A 267 -3.80 -23.81 53.80
C GLN A 267 -3.30 -22.99 54.98
N GLU A 268 -2.08 -22.48 54.88
CA GLU A 268 -1.53 -21.67 55.96
C GLU A 268 -2.34 -20.38 56.14
N VAL A 269 -2.84 -19.86 55.02
CA VAL A 269 -3.66 -18.66 55.06
C VAL A 269 -4.93 -19.02 55.82
N ALA A 270 -5.53 -20.13 55.44
CA ALA A 270 -6.75 -20.59 56.07
C ALA A 270 -6.50 -20.93 57.54
N GLY A 271 -5.31 -21.45 57.82
CA GLY A 271 -4.98 -21.81 59.19
C GLY A 271 -4.42 -20.67 60.00
N GLY A 272 -4.47 -19.47 59.46
CA GLY A 272 -3.95 -18.33 60.18
C GLY A 272 -2.45 -18.41 60.47
N VAL A 273 -1.79 -19.45 59.97
CA VAL A 273 -0.35 -19.59 60.19
C VAL A 273 0.37 -18.52 59.36
N PHE A 274 -0.23 -18.14 58.23
CA PHE A 274 0.33 -17.08 57.39
C PHE A 274 -0.73 -16.01 57.14
N PRO A 275 -0.35 -14.73 57.25
CA PRO A 275 1.03 -14.34 57.57
C PRO A 275 1.32 -14.45 59.06
N ALA A 276 2.60 -14.57 59.39
CA ALA A 276 3.02 -14.65 60.78
C ALA A 276 3.27 -13.20 61.22
N ASP A 277 4.15 -13.01 62.19
CA ASP A 277 4.44 -11.66 62.65
C ASP A 277 5.65 -11.11 61.92
N GLU A 278 6.59 -12.00 61.59
CA GLU A 278 7.77 -11.59 60.84
C GLU A 278 7.31 -10.95 59.54
N HIS A 279 6.01 -11.13 59.27
CA HIS A 279 5.37 -10.60 58.08
C HIS A 279 4.45 -9.45 58.48
N ARG B 18 29.47 33.89 5.08
CA ARG B 18 30.42 33.44 4.06
C ARG B 18 29.74 32.51 3.04
N THR B 19 30.52 31.56 2.51
CA THR B 19 30.02 30.61 1.54
C THR B 19 29.35 29.38 2.16
N LYS B 20 28.23 28.97 1.59
CA LYS B 20 27.51 27.79 2.06
C LYS B 20 28.01 26.58 1.30
N ILE B 21 28.62 25.65 2.03
CA ILE B 21 29.16 24.45 1.41
C ILE B 21 28.11 23.66 0.64
N ARG B 22 28.46 23.26 -0.57
CA ARG B 22 27.59 22.48 -1.42
C ARG B 22 28.36 21.23 -1.78
N THR B 23 27.68 20.22 -2.30
CA THR B 23 28.37 18.99 -2.66
C THR B 23 29.51 19.19 -3.68
N HIS B 24 29.31 20.05 -4.66
CA HIS B 24 30.36 20.26 -5.66
C HIS B 24 31.66 20.72 -5.02
N HIS B 25 31.56 21.43 -3.90
CA HIS B 25 32.74 21.90 -3.19
C HIS B 25 33.61 20.73 -2.79
N LEU B 26 32.99 19.67 -2.29
CA LEU B 26 33.72 18.48 -1.87
C LEU B 26 34.44 17.87 -3.06
N GLN B 27 33.82 17.98 -4.23
CA GLN B 27 34.41 17.43 -5.44
C GLN B 27 35.63 18.28 -5.81
N ARG B 28 35.46 19.60 -5.84
CA ARG B 28 36.57 20.49 -6.16
C ARG B 28 37.74 20.19 -5.23
N TRP B 29 37.44 20.09 -3.93
CA TRP B 29 38.48 19.82 -2.95
C TRP B 29 39.25 18.54 -3.21
N LYS B 30 38.58 17.52 -3.74
CA LYS B 30 39.28 16.27 -4.03
C LYS B 30 40.29 16.57 -5.14
N ALA B 31 39.88 17.44 -6.05
CA ALA B 31 40.72 17.85 -7.18
C ALA B 31 41.91 18.65 -6.68
N ASP B 32 41.64 19.69 -5.87
CA ASP B 32 42.71 20.53 -5.35
C ASP B 32 43.51 19.84 -4.26
N GLY B 33 43.11 18.62 -3.91
CA GLY B 33 43.82 17.89 -2.87
C GLY B 33 43.59 18.42 -1.45
N HIS B 34 42.48 19.14 -1.27
CA HIS B 34 42.14 19.69 0.03
C HIS B 34 41.40 18.66 0.90
N LYS B 35 42.04 18.24 1.99
CA LYS B 35 41.45 17.26 2.89
C LYS B 35 40.54 18.00 3.88
N TRP B 36 39.23 17.79 3.74
CA TRP B 36 38.24 18.42 4.60
C TRP B 36 37.79 17.55 5.77
N ALA B 37 37.32 18.22 6.81
CA ALA B 37 36.87 17.52 8.02
C ALA B 37 35.35 17.54 8.20
N MET B 38 34.81 16.38 8.56
CA MET B 38 33.37 16.23 8.79
C MET B 38 33.17 15.86 10.25
N LEU B 39 32.22 16.53 10.87
CA LEU B 39 31.94 16.28 12.26
C LEU B 39 30.47 15.93 12.43
N THR B 40 30.20 15.04 13.39
CA THR B 40 28.84 14.62 13.66
C THR B 40 28.22 15.71 14.55
N ALA B 41 26.92 15.95 14.41
CA ALA B 41 26.24 16.97 15.21
C ALA B 41 24.80 16.56 15.43
N TYR B 42 24.23 16.87 16.59
CA TYR B 42 22.86 16.46 16.86
C TYR B 42 21.94 17.49 17.48
N ASP B 43 22.38 18.74 17.56
CA ASP B 43 21.52 19.79 18.10
C ASP B 43 21.94 21.16 17.62
N TYR B 44 21.06 22.14 17.82
CA TYR B 44 21.28 23.51 17.40
C TYR B 44 22.55 24.18 17.92
N SER B 45 22.73 24.15 19.24
CA SER B 45 23.90 24.76 19.86
C SER B 45 25.22 24.17 19.41
N THR B 46 25.26 22.86 19.24
CA THR B 46 26.47 22.20 18.81
C THR B 46 26.78 22.62 17.38
N ALA B 47 25.77 22.52 16.52
CA ALA B 47 25.93 22.88 15.12
C ALA B 47 26.41 24.32 14.98
N ARG B 48 25.82 25.22 15.76
CA ARG B 48 26.20 26.62 15.72
C ARG B 48 27.70 26.75 15.95
N ILE B 49 28.20 26.03 16.96
CA ILE B 49 29.62 26.07 17.29
C ILE B 49 30.48 25.55 16.13
N PHE B 50 30.17 24.36 15.64
CA PHE B 50 30.94 23.79 14.54
C PHE B 50 30.87 24.67 13.30
N ASP B 51 29.73 25.34 13.10
CA ASP B 51 29.58 26.20 11.93
C ASP B 51 30.53 27.39 12.03
N GLU B 52 30.50 28.07 13.18
CA GLU B 52 31.39 29.22 13.37
C GLU B 52 32.81 28.76 13.66
N ALA B 53 33.03 27.46 13.56
CA ALA B 53 34.36 26.89 13.78
C ALA B 53 34.89 26.51 12.41
N GLY B 54 34.04 26.71 11.41
CA GLY B 54 34.43 26.42 10.03
C GLY B 54 34.20 25.02 9.50
N ILE B 55 33.63 24.12 10.29
CA ILE B 55 33.40 22.77 9.78
C ILE B 55 32.45 22.88 8.59
N PRO B 56 32.86 22.36 7.42
CA PRO B 56 32.08 22.39 6.18
C PRO B 56 30.93 21.40 6.07
N VAL B 57 31.09 20.22 6.68
CA VAL B 57 30.05 19.21 6.61
C VAL B 57 29.65 18.65 7.97
N LEU B 58 28.35 18.64 8.23
CA LEU B 58 27.82 18.11 9.49
C LEU B 58 26.95 16.88 9.26
N LEU B 59 27.18 15.85 10.06
CA LEU B 59 26.43 14.60 9.95
C LEU B 59 25.52 14.33 11.13
N VAL B 60 24.21 14.39 10.91
CA VAL B 60 23.27 14.08 11.98
C VAL B 60 23.18 12.56 11.89
N GLY B 61 24.19 11.91 12.45
CA GLY B 61 24.30 10.47 12.41
C GLY B 61 23.33 9.68 13.25
N ASP B 62 23.28 8.38 12.98
CA ASP B 62 22.39 7.54 13.74
C ASP B 62 23.17 7.06 14.93
N SER B 63 24.34 7.66 15.06
CA SER B 63 25.20 7.40 16.18
C SER B 63 24.54 8.15 17.33
N ALA B 64 23.57 9.01 16.99
CA ALA B 64 22.84 9.78 17.99
C ALA B 64 22.11 8.81 18.92
N ALA B 65 21.83 7.63 18.39
CA ALA B 65 21.16 6.58 19.13
C ALA B 65 21.88 6.35 20.45
N ASN B 66 23.21 6.35 20.41
CA ASN B 66 24.02 6.15 21.60
C ASN B 66 24.21 7.46 22.37
N VAL B 67 24.96 8.39 21.79
CA VAL B 67 25.26 9.65 22.45
C VAL B 67 24.08 10.53 22.81
N VAL B 68 22.98 10.44 22.06
CA VAL B 68 21.83 11.27 22.38
C VAL B 68 20.76 10.56 23.20
N TYR B 69 20.40 9.36 22.78
CA TYR B 69 19.33 8.63 23.46
C TYR B 69 19.72 7.49 24.39
N GLY B 70 21.01 7.17 24.46
CA GLY B 70 21.43 6.11 25.35
C GLY B 70 21.13 4.69 24.93
N TYR B 71 20.89 4.47 23.65
CA TYR B 71 20.64 3.11 23.18
C TYR B 71 22.04 2.51 23.06
N ASP B 72 22.16 1.21 23.32
CA ASP B 72 23.46 0.59 23.24
C ASP B 72 23.76 0.15 21.81
N THR B 73 22.86 0.51 20.90
CA THR B 73 22.99 0.16 19.50
C THR B 73 22.33 1.23 18.63
N THR B 74 22.50 1.11 17.32
CA THR B 74 21.91 2.05 16.38
C THR B 74 20.72 1.40 15.70
N VAL B 75 20.29 0.27 16.25
CA VAL B 75 19.17 -0.48 15.70
C VAL B 75 17.81 0.09 16.05
N PRO B 76 17.63 0.51 17.31
CA PRO B 76 16.35 1.07 17.75
C PRO B 76 15.96 2.47 17.32
N ILE B 77 16.92 3.37 17.13
CA ILE B 77 16.60 4.75 16.76
C ILE B 77 15.66 4.85 15.56
N SER B 78 14.64 5.71 15.68
CA SER B 78 13.66 5.89 14.62
C SER B 78 13.81 7.20 13.88
N ILE B 79 13.17 7.28 12.72
CA ILE B 79 13.21 8.49 11.93
C ILE B 79 12.75 9.67 12.77
N ASP B 80 11.70 9.46 13.55
CA ASP B 80 11.17 10.55 14.36
C ASP B 80 12.09 11.03 15.45
N GLU B 81 13.05 10.20 15.85
CA GLU B 81 14.01 10.60 16.88
C GLU B 81 15.15 11.37 16.21
N LEU B 82 15.12 11.44 14.89
CA LEU B 82 16.16 12.11 14.14
C LEU B 82 15.71 13.41 13.46
N ILE B 83 14.62 13.35 12.71
CA ILE B 83 14.14 14.53 12.02
C ILE B 83 14.16 15.81 12.85
N PRO B 84 13.58 15.77 14.06
CA PRO B 84 13.61 17.00 14.86
C PRO B 84 15.04 17.47 15.17
N LEU B 85 15.97 16.54 15.30
CA LEU B 85 17.36 16.91 15.58
C LEU B 85 17.96 17.52 14.33
N VAL B 86 17.63 16.95 13.17
CA VAL B 86 18.13 17.46 11.90
C VAL B 86 17.70 18.91 11.76
N ARG B 87 16.43 19.18 12.00
CA ARG B 87 15.93 20.53 11.89
C ARG B 87 16.76 21.48 12.74
N GLY B 88 17.09 21.03 13.95
CA GLY B 88 17.90 21.84 14.84
C GLY B 88 19.28 22.10 14.26
N VAL B 89 19.93 21.04 13.81
CA VAL B 89 21.26 21.17 13.24
C VAL B 89 21.22 22.06 12.01
N VAL B 90 20.18 21.91 11.20
CA VAL B 90 20.06 22.71 9.99
C VAL B 90 19.98 24.18 10.34
N ARG B 91 19.32 24.50 11.44
CA ARG B 91 19.18 25.89 11.86
C ARG B 91 20.49 26.43 12.44
N GLY B 92 21.28 25.56 13.05
CA GLY B 92 22.52 26.00 13.66
C GLY B 92 23.74 26.14 12.76
N ALA B 93 23.73 25.48 11.60
CA ALA B 93 24.86 25.54 10.70
C ALA B 93 24.46 26.02 9.32
N PRO B 94 24.23 27.33 9.17
CA PRO B 94 23.84 27.97 7.91
C PRO B 94 24.84 27.82 6.79
N HIS B 95 26.10 27.57 7.13
CA HIS B 95 27.12 27.46 6.10
C HIS B 95 27.56 26.04 5.83
N ALA B 96 27.17 25.12 6.69
CA ALA B 96 27.56 23.73 6.51
C ALA B 96 26.63 22.94 5.61
N LEU B 97 27.15 21.85 5.07
CA LEU B 97 26.37 20.94 4.25
C LEU B 97 25.90 19.93 5.28
N VAL B 98 24.60 19.97 5.61
CA VAL B 98 24.04 19.07 6.60
C VAL B 98 23.55 17.76 5.98
N VAL B 99 24.13 16.65 6.42
CA VAL B 99 23.76 15.33 5.93
C VAL B 99 22.98 14.56 6.98
N ALA B 100 21.80 14.09 6.59
CA ALA B 100 20.96 13.32 7.48
C ALA B 100 21.13 11.87 7.13
N ASP B 101 21.23 11.10 8.18
CA ASP B 101 21.43 9.68 8.11
C ASP B 101 20.12 8.94 8.07
N LEU B 102 20.08 7.88 7.30
CA LEU B 102 18.87 7.12 7.28
C LEU B 102 18.99 6.02 8.34
N PRO B 103 18.03 5.96 9.27
CA PRO B 103 17.96 4.99 10.37
C PRO B 103 17.82 3.58 9.87
N PHE B 104 18.23 2.63 10.69
CA PHE B 104 18.13 1.23 10.35
C PHE B 104 16.68 0.84 10.03
N GLY B 105 16.50 0.14 8.92
CA GLY B 105 15.17 -0.29 8.53
C GLY B 105 14.40 0.63 7.63
N SER B 106 14.85 1.87 7.49
CA SER B 106 14.12 2.83 6.65
C SER B 106 14.39 2.79 5.14
N TYR B 107 15.36 1.99 4.70
CA TYR B 107 15.71 1.94 3.27
C TYR B 107 16.05 0.55 2.76
N GLU B 108 16.12 -0.42 3.64
CA GLU B 108 16.50 -1.75 3.22
C GLU B 108 15.41 -2.41 2.38
N ALA B 109 14.17 -2.00 2.54
CA ALA B 109 13.08 -2.61 1.78
C ALA B 109 13.17 -2.38 0.28
N GLY B 110 13.81 -1.29 -0.13
CA GLY B 110 13.92 -0.98 -1.54
C GLY B 110 13.91 0.51 -1.81
N PRO B 111 13.94 0.92 -3.09
CA PRO B 111 13.94 2.34 -3.47
C PRO B 111 12.76 3.15 -2.95
N THR B 112 11.56 2.62 -3.15
CA THR B 112 10.35 3.31 -2.73
C THR B 112 10.43 3.72 -1.28
N ALA B 113 10.76 2.77 -0.41
CA ALA B 113 10.87 3.06 1.00
C ALA B 113 11.94 4.12 1.22
N ALA B 114 13.14 3.82 0.73
CA ALA B 114 14.27 4.74 0.89
C ALA B 114 13.94 6.15 0.41
N LEU B 115 13.27 6.26 -0.73
CA LEU B 115 12.91 7.56 -1.28
C LEU B 115 11.98 8.31 -0.35
N ALA B 116 10.98 7.62 0.18
CA ALA B 116 10.05 8.26 1.08
C ALA B 116 10.78 8.77 2.33
N ALA B 117 11.62 7.93 2.90
CA ALA B 117 12.39 8.29 4.08
C ALA B 117 13.27 9.52 3.83
N ALA B 118 14.05 9.47 2.76
CA ALA B 118 14.94 10.56 2.42
C ALA B 118 14.16 11.84 2.20
N THR B 119 13.04 11.70 1.50
CA THR B 119 12.21 12.86 1.21
C THR B 119 11.76 13.55 2.50
N ARG B 120 11.53 12.76 3.54
CA ARG B 120 11.11 13.34 4.81
C ARG B 120 12.26 14.15 5.38
N PHE B 121 13.47 13.59 5.32
CA PHE B 121 14.62 14.28 5.83
C PHE B 121 14.91 15.60 5.12
N LEU B 122 14.56 15.69 3.85
CA LEU B 122 14.81 16.94 3.13
C LEU B 122 13.68 17.92 3.31
N LYS B 123 12.47 17.52 2.95
CA LYS B 123 11.30 18.40 3.07
C LYS B 123 10.98 18.80 4.50
N ASP B 124 11.14 17.85 5.43
CA ASP B 124 10.84 18.11 6.82
C ASP B 124 12.10 18.50 7.60
N GLY B 125 13.07 17.61 7.60
CA GLY B 125 14.30 17.84 8.32
C GLY B 125 15.09 19.04 7.83
N GLY B 126 14.92 19.36 6.56
CA GLY B 126 15.64 20.48 6.00
C GLY B 126 17.06 20.12 5.62
N ALA B 127 17.39 18.82 5.67
CA ALA B 127 18.72 18.34 5.33
C ALA B 127 19.04 18.64 3.87
N HIS B 128 20.33 18.62 3.53
CA HIS B 128 20.75 18.90 2.17
C HIS B 128 21.04 17.59 1.47
N ALA B 129 21.39 16.58 2.26
CA ALA B 129 21.72 15.27 1.74
C ALA B 129 21.47 14.23 2.80
N VAL B 130 21.46 12.96 2.40
CA VAL B 130 21.26 11.87 3.33
C VAL B 130 22.37 10.85 3.19
N LYS B 131 22.60 10.07 4.25
CA LYS B 131 23.63 9.04 4.23
C LYS B 131 22.94 7.68 4.28
N LEU B 132 23.21 6.86 3.28
CA LEU B 132 22.61 5.53 3.17
C LEU B 132 23.72 4.50 3.38
N GLU B 133 23.63 3.71 4.44
CA GLU B 133 24.67 2.72 4.70
C GLU B 133 24.42 1.42 3.95
N GLY B 134 25.45 0.93 3.26
CA GLY B 134 25.30 -0.32 2.51
C GLY B 134 26.24 -0.44 1.33
N GLY B 135 26.35 -1.66 0.79
CA GLY B 135 27.19 -1.91 -0.35
C GLY B 135 26.38 -2.06 -1.61
N GLU B 136 26.81 -2.96 -2.49
CA GLU B 136 26.11 -3.22 -3.74
C GLU B 136 24.61 -3.36 -3.54
N ARG B 137 24.24 -4.13 -2.53
CA ARG B 137 22.83 -4.40 -2.22
C ARG B 137 21.96 -3.13 -2.13
N VAL B 138 22.60 -1.98 -1.96
CA VAL B 138 21.88 -0.72 -1.80
C VAL B 138 21.98 0.23 -3.01
N ALA B 139 22.63 -0.23 -4.07
CA ALA B 139 22.79 0.61 -5.25
C ALA B 139 21.46 1.08 -5.82
N GLU B 140 20.50 0.17 -5.89
CA GLU B 140 19.19 0.53 -6.44
C GLU B 140 18.61 1.73 -5.68
N GLN B 141 18.71 1.70 -4.36
CA GLN B 141 18.18 2.79 -3.55
C GLN B 141 18.93 4.07 -3.82
N ILE B 142 20.26 4.00 -3.82
CA ILE B 142 21.06 5.18 -4.05
C ILE B 142 20.71 5.78 -5.41
N ALA B 143 20.52 4.94 -6.41
CA ALA B 143 20.18 5.41 -7.75
C ALA B 143 18.84 6.16 -7.77
N CYS B 144 17.80 5.59 -7.16
CA CYS B 144 16.49 6.23 -7.12
C CYS B 144 16.58 7.62 -6.49
N LEU B 145 17.17 7.71 -5.30
CA LEU B 145 17.29 9.00 -4.62
C LEU B 145 18.07 10.00 -5.47
N THR B 146 19.25 9.58 -5.92
CA THR B 146 20.12 10.41 -6.74
C THR B 146 19.36 10.93 -7.95
N ALA B 147 18.60 10.05 -8.60
CA ALA B 147 17.85 10.47 -9.77
C ALA B 147 16.70 11.41 -9.38
N ALA B 148 16.25 11.32 -8.14
CA ALA B 148 15.16 12.16 -7.67
C ALA B 148 15.69 13.54 -7.36
N GLY B 149 17.00 13.68 -7.34
CA GLY B 149 17.60 14.96 -7.04
C GLY B 149 18.05 15.05 -5.59
N ILE B 150 18.15 13.91 -4.92
CA ILE B 150 18.58 13.88 -3.53
C ILE B 150 20.03 13.45 -3.41
N PRO B 151 20.90 14.34 -2.93
CA PRO B 151 22.32 14.04 -2.76
C PRO B 151 22.48 12.90 -1.77
N VAL B 152 23.20 11.86 -2.16
CA VAL B 152 23.40 10.71 -1.29
C VAL B 152 24.85 10.46 -0.96
N MET B 153 25.15 10.35 0.33
CA MET B 153 26.50 10.05 0.77
C MET B 153 26.48 8.57 1.11
N ALA B 154 27.31 7.79 0.41
CA ALA B 154 27.34 6.37 0.66
C ALA B 154 28.16 6.05 1.91
N HIS B 155 28.08 4.80 2.36
CA HIS B 155 28.77 4.36 3.55
C HIS B 155 29.04 2.86 3.38
N ILE B 156 30.31 2.51 3.17
CA ILE B 156 30.70 1.12 3.00
C ILE B 156 31.71 0.73 4.07
N GLY B 157 31.84 -0.57 4.30
CA GLY B 157 32.77 -1.04 5.32
C GLY B 157 33.55 -2.26 4.88
N PHE B 158 34.30 -2.83 5.83
CA PHE B 158 35.12 -4.00 5.57
C PHE B 158 34.74 -5.06 6.61
N THR B 159 34.26 -6.19 6.12
CA THR B 159 33.87 -7.28 7.03
C THR B 159 34.55 -8.59 6.66
N PRO B 160 35.67 -8.91 7.32
CA PRO B 160 36.45 -10.13 7.08
C PRO B 160 35.58 -11.40 6.95
N GLY B 175 40.60 -10.92 3.06
CA GLY B 175 40.60 -11.70 1.82
C GLY B 175 39.54 -11.24 0.83
N ASP B 176 38.53 -12.09 0.60
CA ASP B 176 37.44 -11.76 -0.32
C ASP B 176 36.78 -10.46 0.15
N ALA B 177 36.89 -10.21 1.45
CA ALA B 177 36.32 -9.00 2.05
C ALA B 177 36.77 -7.76 1.31
N ALA B 178 38.08 -7.64 1.10
CA ALA B 178 38.64 -6.48 0.40
C ALA B 178 38.04 -6.35 -1.00
N GLU B 179 37.69 -7.48 -1.60
CA GLU B 179 37.11 -7.48 -2.93
C GLU B 179 35.74 -6.82 -2.85
N GLN B 180 34.93 -7.29 -1.91
CA GLN B 180 33.58 -6.79 -1.72
C GLN B 180 33.59 -5.29 -1.41
N THR B 181 34.49 -4.87 -0.52
CA THR B 181 34.60 -3.47 -0.17
C THR B 181 34.75 -2.67 -1.45
N ILE B 182 35.64 -3.16 -2.31
CA ILE B 182 35.93 -2.53 -3.60
C ILE B 182 34.67 -2.52 -4.46
N ALA B 183 34.02 -3.67 -4.56
CA ALA B 183 32.81 -3.78 -5.35
C ALA B 183 31.78 -2.77 -4.85
N ASP B 184 31.67 -2.66 -3.52
CA ASP B 184 30.74 -1.72 -2.92
C ASP B 184 31.12 -0.29 -3.27
N ALA B 185 32.39 0.04 -3.09
CA ALA B 185 32.87 1.38 -3.41
C ALA B 185 32.51 1.73 -4.86
N ILE B 186 32.71 0.78 -5.76
CA ILE B 186 32.42 1.00 -7.16
C ILE B 186 30.91 1.14 -7.40
N ALA B 187 30.15 0.15 -6.97
CA ALA B 187 28.70 0.14 -7.15
C ALA B 187 28.05 1.41 -6.58
N VAL B 188 28.45 1.75 -5.37
CA VAL B 188 27.92 2.92 -4.68
C VAL B 188 28.13 4.20 -5.47
N ALA B 189 29.33 4.37 -6.01
CA ALA B 189 29.64 5.56 -6.80
C ALA B 189 28.86 5.53 -8.11
N GLU B 190 28.77 4.35 -8.72
CA GLU B 190 28.04 4.19 -9.97
C GLU B 190 26.59 4.62 -9.76
N ALA B 191 26.04 4.26 -8.59
CA ALA B 191 24.66 4.59 -8.26
C ALA B 191 24.40 6.09 -8.20
N GLY B 192 25.46 6.87 -7.98
CA GLY B 192 25.30 8.32 -7.93
C GLY B 192 25.77 9.03 -6.68
N ALA B 193 26.21 8.29 -5.68
CA ALA B 193 26.68 8.91 -4.44
C ALA B 193 27.69 10.02 -4.73
N PHE B 194 27.51 11.17 -4.10
CA PHE B 194 28.42 12.29 -4.31
C PHE B 194 29.68 12.11 -3.47
N ALA B 195 29.67 11.13 -2.58
CA ALA B 195 30.80 10.86 -1.72
C ALA B 195 30.54 9.53 -1.01
N VAL B 196 31.57 8.98 -0.39
CA VAL B 196 31.39 7.72 0.32
C VAL B 196 32.22 7.63 1.59
N VAL B 197 31.62 7.07 2.62
CA VAL B 197 32.27 6.90 3.90
C VAL B 197 32.86 5.51 4.01
N MET B 198 34.12 5.45 4.40
CA MET B 198 34.81 4.17 4.56
C MET B 198 35.08 4.03 6.04
N GLU B 199 34.35 3.13 6.68
CA GLU B 199 34.49 2.92 8.12
C GLU B 199 35.11 1.58 8.44
N MET B 200 36.18 1.62 9.24
CA MET B 200 36.89 0.42 9.65
C MET B 200 37.42 -0.33 8.42
N VAL B 201 38.04 0.44 7.53
CA VAL B 201 38.60 -0.14 6.32
C VAL B 201 40.12 -0.07 6.37
N PRO B 202 40.79 -1.21 6.09
CA PRO B 202 42.25 -1.29 6.10
C PRO B 202 42.85 -0.13 5.30
N ALA B 203 43.64 0.70 6.00
CA ALA B 203 44.26 1.87 5.38
C ALA B 203 44.79 1.63 3.97
N GLU B 204 45.42 0.47 3.75
CA GLU B 204 45.95 0.14 2.43
C GLU B 204 44.84 0.12 1.39
N LEU B 205 43.82 -0.70 1.65
CA LEU B 205 42.68 -0.85 0.76
C LEU B 205 42.02 0.51 0.58
N ALA B 206 41.87 1.22 1.69
CA ALA B 206 41.26 2.54 1.65
C ALA B 206 42.01 3.45 0.68
N THR B 207 43.32 3.54 0.88
CA THR B 207 44.19 4.37 0.05
C THR B 207 43.87 4.18 -1.43
N GLN B 208 43.86 2.92 -1.85
CA GLN B 208 43.58 2.58 -3.23
C GLN B 208 42.20 3.06 -3.66
N ILE B 209 41.18 2.56 -2.98
CA ILE B 209 39.81 2.93 -3.28
C ILE B 209 39.71 4.44 -3.44
N THR B 210 40.35 5.18 -2.52
CA THR B 210 40.34 6.63 -2.58
C THR B 210 40.88 7.10 -3.92
N GLY B 211 42.01 6.53 -4.34
CA GLY B 211 42.59 6.90 -5.60
C GLY B 211 41.80 6.40 -6.79
N LYS B 212 41.12 5.26 -6.62
CA LYS B 212 40.34 4.67 -7.69
C LYS B 212 38.97 5.31 -7.94
N LEU B 213 38.41 5.97 -6.94
CA LEU B 213 37.11 6.62 -7.10
C LEU B 213 37.21 8.07 -7.54
N THR B 214 36.20 8.53 -8.27
CA THR B 214 36.15 9.90 -8.75
C THR B 214 35.59 10.80 -7.65
N ILE B 215 34.73 10.22 -6.82
CA ILE B 215 34.10 10.93 -5.72
C ILE B 215 34.96 10.87 -4.46
N PRO B 216 34.82 11.88 -3.58
CA PRO B 216 35.57 11.95 -2.33
C PRO B 216 35.29 10.77 -1.41
N THR B 217 36.29 10.37 -0.64
CA THR B 217 36.12 9.27 0.32
C THR B 217 36.28 9.89 1.69
N VAL B 218 35.33 9.64 2.59
CA VAL B 218 35.43 10.17 3.93
C VAL B 218 35.70 9.02 4.88
N GLY B 219 36.84 9.08 5.54
CA GLY B 219 37.19 8.00 6.43
C GLY B 219 37.05 8.24 7.92
N ILE B 220 36.91 7.12 8.61
CA ILE B 220 36.82 7.07 10.05
C ILE B 220 37.40 5.69 10.33
N GLY B 221 38.66 5.68 10.76
CA GLY B 221 39.32 4.43 11.02
C GLY B 221 39.56 3.78 9.67
N ALA B 222 39.88 4.63 8.69
CA ALA B 222 40.11 4.16 7.34
C ALA B 222 41.53 4.49 6.90
N GLY B 223 42.27 5.16 7.76
CA GLY B 223 43.62 5.54 7.40
C GLY B 223 43.65 7.00 7.02
N PRO B 224 44.83 7.56 6.74
CA PRO B 224 45.00 8.97 6.36
C PRO B 224 44.77 9.26 4.88
N ASN B 225 44.66 8.22 4.07
CA ASN B 225 44.48 8.43 2.65
C ASN B 225 43.03 8.46 2.18
N CYS B 226 42.32 9.48 2.63
CA CYS B 226 40.90 9.66 2.29
C CYS B 226 40.75 11.15 2.03
N ASP B 227 39.92 11.48 1.04
CA ASP B 227 39.69 12.89 0.70
C ASP B 227 39.22 13.73 1.87
N GLY B 228 38.65 13.07 2.88
CA GLY B 228 38.16 13.76 4.06
C GLY B 228 38.07 12.81 5.26
N GLN B 229 37.87 13.38 6.44
CA GLN B 229 37.77 12.58 7.66
C GLN B 229 36.50 12.88 8.42
N VAL B 230 36.02 11.90 9.19
CA VAL B 230 34.81 12.09 9.98
C VAL B 230 34.91 11.42 11.34
N LEU B 231 34.44 12.13 12.36
CA LEU B 231 34.44 11.62 13.73
C LEU B 231 33.18 12.04 14.46
N VAL B 232 32.78 11.24 15.44
CA VAL B 232 31.62 11.56 16.27
C VAL B 232 32.14 12.62 17.23
N TRP B 233 31.61 13.83 17.15
CA TRP B 233 32.11 14.90 18.00
C TRP B 233 32.25 14.54 19.49
N GLN B 234 31.40 13.66 19.98
CA GLN B 234 31.46 13.26 21.38
C GLN B 234 32.84 12.65 21.68
N ASP B 235 33.35 11.86 20.74
CA ASP B 235 34.65 11.23 20.92
C ASP B 235 35.75 12.24 20.67
N MET B 236 35.59 12.99 19.59
CA MET B 236 36.57 14.01 19.22
C MET B 236 36.85 14.97 20.37
N ALA B 237 35.84 15.29 21.16
CA ALA B 237 36.03 16.23 22.27
C ALA B 237 35.92 15.61 23.65
N GLY B 238 36.06 14.29 23.73
CA GLY B 238 35.97 13.62 25.02
C GLY B 238 34.73 14.05 25.79
N PHE B 239 33.57 13.66 25.30
CA PHE B 239 32.31 14.01 25.92
C PHE B 239 31.56 12.75 26.35
N SER B 240 32.02 11.62 25.86
CA SER B 240 31.39 10.35 26.18
C SER B 240 32.45 9.38 26.70
N GLY B 241 32.17 8.79 27.87
CA GLY B 241 33.11 7.84 28.45
C GLY B 241 34.55 8.33 28.44
N ALA B 242 35.51 7.41 28.53
CA ALA B 242 36.93 7.77 28.54
C ALA B 242 37.73 6.91 27.57
N LYS B 243 37.14 5.80 27.14
CA LYS B 243 37.81 4.88 26.24
C LYS B 243 37.86 5.37 24.79
N THR B 244 38.88 6.14 24.46
CA THR B 244 39.02 6.61 23.09
C THR B 244 39.65 5.47 22.27
N ALA B 245 38.87 4.90 21.35
CA ALA B 245 39.34 3.81 20.50
C ALA B 245 40.51 4.23 19.63
N ARG B 246 41.14 3.25 18.99
CA ARG B 246 42.30 3.53 18.15
C ARG B 246 42.11 4.58 17.06
N PHE B 247 41.04 4.46 16.29
CA PHE B 247 40.81 5.41 15.19
C PHE B 247 40.39 6.82 15.63
N VAL B 248 40.20 7.03 16.93
CA VAL B 248 39.78 8.34 17.42
C VAL B 248 40.88 9.06 18.17
N LYS B 249 41.04 10.34 17.88
CA LYS B 249 42.04 11.14 18.57
C LYS B 249 41.27 12.11 19.48
N ARG B 250 41.56 12.06 20.77
CA ARG B 250 40.89 12.91 21.74
C ARG B 250 41.47 14.33 21.72
N TYR B 251 40.82 15.24 21.00
CA TYR B 251 41.30 16.61 20.89
C TYR B 251 41.02 17.50 22.09
N ALA B 252 40.39 16.93 23.12
CA ALA B 252 40.07 17.70 24.33
C ALA B 252 39.29 16.86 25.32
N ASP B 253 38.94 17.49 26.44
CA ASP B 253 38.17 16.84 27.49
C ASP B 253 37.03 17.78 27.82
N VAL B 254 36.22 18.08 26.80
CA VAL B 254 35.08 18.96 26.96
C VAL B 254 34.11 18.38 27.98
N GLY B 255 34.05 17.06 28.03
CA GLY B 255 33.17 16.39 28.97
C GLY B 255 33.63 16.70 30.40
N GLY B 256 34.91 16.45 30.66
CA GLY B 256 35.48 16.70 31.97
C GLY B 256 35.28 18.15 32.37
N GLU B 257 35.57 19.05 31.44
CA GLU B 257 35.43 20.48 31.69
C GLU B 257 34.02 20.79 32.16
N LEU B 258 33.04 20.06 31.63
CA LEU B 258 31.65 20.27 32.01
C LEU B 258 31.38 19.72 33.39
N ARG B 259 32.10 18.67 33.76
CA ARG B 259 31.92 18.08 35.08
C ARG B 259 32.25 19.06 36.19
N ARG B 260 33.39 19.74 36.11
CA ARG B 260 33.72 20.69 37.17
C ARG B 260 32.72 21.83 37.15
N ALA B 261 32.52 22.42 35.96
CA ALA B 261 31.58 23.52 35.84
C ALA B 261 30.32 23.19 36.64
N ALA B 262 29.85 21.96 36.51
CA ALA B 262 28.67 21.52 37.22
C ALA B 262 28.97 21.38 38.70
N MET B 263 30.06 20.68 39.01
CA MET B 263 30.45 20.46 40.40
C MET B 263 30.70 21.77 41.13
N GLN B 264 31.39 22.69 40.49
CA GLN B 264 31.65 23.97 41.13
C GLN B 264 30.35 24.71 41.33
N TYR B 265 29.51 24.72 40.29
CA TYR B 265 28.21 25.37 40.37
C TYR B 265 27.46 24.84 41.59
N ALA B 266 27.42 23.51 41.70
CA ALA B 266 26.73 22.86 42.80
C ALA B 266 27.23 23.33 44.17
N GLN B 267 28.55 23.32 44.35
CA GLN B 267 29.14 23.72 45.61
C GLN B 267 28.86 25.18 45.95
N GLU B 268 28.95 26.06 44.96
CA GLU B 268 28.68 27.49 45.18
C GLU B 268 27.23 27.67 45.60
N VAL B 269 26.35 26.86 45.05
CA VAL B 269 24.93 26.93 45.39
C VAL B 269 24.80 26.54 46.84
N ALA B 270 25.45 25.44 47.21
CA ALA B 270 25.42 24.94 48.57
C ALA B 270 26.09 25.94 49.51
N GLY B 271 27.14 26.60 49.01
CA GLY B 271 27.85 27.57 49.82
C GLY B 271 27.25 28.96 49.80
N GLY B 272 26.06 29.09 49.22
CA GLY B 272 25.41 30.40 49.16
C GLY B 272 26.20 31.43 48.36
N VAL B 273 27.33 31.03 47.79
CA VAL B 273 28.14 31.95 46.99
C VAL B 273 27.38 32.29 45.69
N PHE B 274 26.58 31.34 45.23
CA PHE B 274 25.75 31.56 44.04
C PHE B 274 24.30 31.24 44.38
N PRO B 275 23.37 32.09 43.93
CA PRO B 275 23.70 33.29 43.16
C PRO B 275 24.19 34.43 44.04
N ALA B 276 24.94 35.35 43.44
CA ALA B 276 25.45 36.50 44.17
C ALA B 276 24.36 37.59 44.03
N ASP B 277 24.76 38.85 44.07
CA ASP B 277 23.80 39.94 43.94
C ASP B 277 23.73 40.40 42.50
N GLU B 278 24.86 40.33 41.81
CA GLU B 278 24.91 40.71 40.40
C GLU B 278 23.90 39.82 39.66
N HIS B 279 23.43 38.80 40.37
CA HIS B 279 22.47 37.84 39.86
C HIS B 279 21.12 38.07 40.53
N ARG C 18 -14.22 -37.42 21.14
CA ARG C 18 -14.02 -38.32 20.02
C ARG C 18 -12.97 -37.74 19.07
N THR C 19 -13.12 -37.97 17.78
CA THR C 19 -12.15 -37.49 16.81
C THR C 19 -12.52 -36.19 16.09
N LYS C 20 -11.55 -35.29 16.00
CA LYS C 20 -11.73 -34.02 15.33
C LYS C 20 -11.33 -34.20 13.87
N ILE C 21 -12.30 -34.03 12.98
CA ILE C 21 -12.06 -34.17 11.56
C ILE C 21 -10.96 -33.24 11.05
N ARG C 22 -10.05 -33.80 10.27
CA ARG C 22 -8.96 -33.04 9.69
C ARG C 22 -9.04 -33.27 8.20
N THR C 23 -8.34 -32.45 7.42
CA THR C 23 -8.39 -32.62 5.97
C THR C 23 -7.95 -34.01 5.50
N HIS C 24 -6.92 -34.57 6.12
CA HIS C 24 -6.46 -35.88 5.69
C HIS C 24 -7.57 -36.93 5.77
N HIS C 25 -8.49 -36.74 6.72
CA HIS C 25 -9.59 -37.68 6.86
C HIS C 25 -10.41 -37.75 5.58
N LEU C 26 -10.66 -36.60 4.98
CA LEU C 26 -11.43 -36.54 3.74
C LEU C 26 -10.71 -37.28 2.64
N GLN C 27 -9.38 -37.25 2.68
CA GLN C 27 -8.57 -37.93 1.69
C GLN C 27 -8.71 -39.44 1.90
N ARG C 28 -8.53 -39.89 3.15
CA ARG C 28 -8.66 -41.31 3.47
C ARG C 28 -10.02 -41.80 3.00
N TRP C 29 -11.06 -41.04 3.32
CA TRP C 29 -12.41 -41.43 2.93
C TRP C 29 -12.58 -41.60 1.42
N LYS C 30 -11.87 -40.81 0.63
CA LYS C 30 -12.00 -40.94 -0.82
C LYS C 30 -11.41 -42.29 -1.17
N ALA C 31 -10.35 -42.66 -0.45
CA ALA C 31 -9.69 -43.94 -0.65
C ALA C 31 -10.61 -45.10 -0.25
N ASP C 32 -11.15 -45.02 0.95
CA ASP C 32 -12.02 -46.08 1.45
C ASP C 32 -13.39 -46.04 0.79
N GLY C 33 -13.61 -45.06 -0.08
CA GLY C 33 -14.89 -44.96 -0.76
C GLY C 33 -16.03 -44.49 0.13
N HIS C 34 -15.68 -43.83 1.23
CA HIS C 34 -16.68 -43.32 2.17
C HIS C 34 -17.20 -41.96 1.72
N LYS C 35 -18.48 -41.91 1.37
CA LYS C 35 -19.10 -40.67 0.92
C LYS C 35 -19.56 -39.87 2.15
N TRP C 36 -18.89 -38.75 2.41
CA TRP C 36 -19.21 -37.90 3.55
C TRP C 36 -20.12 -36.72 3.21
N ALA C 37 -20.82 -36.22 4.23
CA ALA C 37 -21.76 -35.13 4.06
C ALA C 37 -21.28 -33.82 4.69
N MET C 38 -21.44 -32.74 3.92
CA MET C 38 -21.04 -31.41 4.37
C MET C 38 -22.28 -30.55 4.45
N LEU C 39 -22.41 -29.84 5.56
CA LEU C 39 -23.56 -29.00 5.77
C LEU C 39 -23.10 -27.57 6.03
N THR C 40 -23.90 -26.62 5.55
CA THR C 40 -23.59 -25.21 5.74
C THR C 40 -24.06 -24.85 7.15
N ALA C 41 -23.36 -23.93 7.81
CA ALA C 41 -23.72 -23.53 9.17
C ALA C 41 -23.33 -22.06 9.39
N TYR C 42 -24.11 -21.32 10.16
CA TYR C 42 -23.79 -19.90 10.36
C TYR C 42 -23.89 -19.39 11.78
N ASP C 43 -24.08 -20.26 12.75
CA ASP C 43 -24.15 -19.81 14.14
C ASP C 43 -23.80 -20.92 15.12
N TYR C 44 -23.55 -20.54 16.35
CA TYR C 44 -23.18 -21.47 17.40
C TYR C 44 -24.16 -22.62 17.65
N SER C 45 -25.41 -22.28 17.87
CA SER C 45 -26.44 -23.29 18.15
C SER C 45 -26.63 -24.29 17.01
N THR C 46 -26.59 -23.81 15.78
CA THR C 46 -26.76 -24.70 14.65
C THR C 46 -25.57 -25.65 14.57
N ALA C 47 -24.37 -25.08 14.65
CA ALA C 47 -23.15 -25.87 14.59
C ALA C 47 -23.13 -26.93 15.68
N ARG C 48 -23.53 -26.54 16.88
CA ARG C 48 -23.56 -27.49 17.99
C ARG C 48 -24.41 -28.70 17.60
N ILE C 49 -25.57 -28.44 17.01
CA ILE C 49 -26.47 -29.51 16.61
C ILE C 49 -25.83 -30.42 15.55
N PHE C 50 -25.32 -29.82 14.48
CA PHE C 50 -24.71 -30.61 13.42
C PHE C 50 -23.51 -31.38 13.93
N ASP C 51 -22.80 -30.80 14.91
CA ASP C 51 -21.62 -31.47 15.47
C ASP C 51 -22.04 -32.73 16.21
N GLU C 52 -23.02 -32.61 17.11
CA GLU C 52 -23.50 -33.75 17.86
C GLU C 52 -24.41 -34.62 16.99
N ALA C 53 -24.50 -34.28 15.72
CA ALA C 53 -25.30 -35.05 14.76
C ALA C 53 -24.31 -35.82 13.91
N GLY C 54 -23.03 -35.59 14.16
CA GLY C 54 -21.99 -36.28 13.42
C GLY C 54 -21.48 -35.66 12.13
N ILE C 55 -22.01 -34.51 11.71
CA ILE C 55 -21.53 -33.91 10.48
C ILE C 55 -20.04 -33.61 10.64
N PRO C 56 -19.20 -34.14 9.75
CA PRO C 56 -17.74 -33.96 9.76
C PRO C 56 -17.21 -32.62 9.28
N VAL C 57 -17.90 -32.01 8.31
CA VAL C 57 -17.46 -30.75 7.75
C VAL C 57 -18.54 -29.68 7.72
N LEU C 58 -18.22 -28.50 8.25
CA LEU C 58 -19.16 -27.40 8.27
C LEU C 58 -18.66 -26.23 7.42
N LEU C 59 -19.55 -25.69 6.59
CA LEU C 59 -19.21 -24.57 5.73
C LEU C 59 -19.91 -23.26 6.10
N VAL C 60 -19.14 -22.29 6.59
CA VAL C 60 -19.73 -20.99 6.91
C VAL C 60 -19.70 -20.29 5.56
N GLY C 61 -20.68 -20.66 4.75
CA GLY C 61 -20.80 -20.13 3.40
C GLY C 61 -21.20 -18.70 3.29
N ASP C 62 -21.00 -18.18 2.09
CA ASP C 62 -21.35 -16.81 1.85
C ASP C 62 -22.81 -16.82 1.53
N SER C 63 -23.35 -18.02 1.47
CA SER C 63 -24.76 -18.18 1.21
C SER C 63 -25.47 -17.53 2.39
N ALA C 64 -24.70 -17.24 3.44
CA ALA C 64 -25.24 -16.61 4.64
C ALA C 64 -25.83 -15.26 4.24
N ALA C 65 -25.30 -14.70 3.16
CA ALA C 65 -25.75 -13.42 2.62
C ALA C 65 -27.26 -13.43 2.47
N ASN C 66 -27.79 -14.56 1.98
CA ASN C 66 -29.23 -14.70 1.78
C ASN C 66 -29.92 -15.13 3.07
N VAL C 67 -29.65 -16.37 3.49
CA VAL C 67 -30.29 -16.93 4.67
C VAL C 67 -30.06 -16.21 5.99
N VAL C 68 -28.92 -15.54 6.14
CA VAL C 68 -28.69 -14.83 7.38
C VAL C 68 -29.01 -13.35 7.32
N TYR C 69 -28.54 -12.68 6.27
CA TYR C 69 -28.74 -11.24 6.17
C TYR C 69 -29.82 -10.72 5.23
N GLY C 70 -30.45 -11.61 4.48
CA GLY C 70 -31.51 -11.17 3.59
C GLY C 70 -31.09 -10.47 2.32
N TYR C 71 -29.84 -10.64 1.91
CA TYR C 71 -29.39 -10.04 0.67
C TYR C 71 -29.92 -10.96 -0.42
N ASP C 72 -30.29 -10.40 -1.56
CA ASP C 72 -30.81 -11.25 -2.62
C ASP C 72 -29.67 -11.79 -3.47
N THR C 73 -28.45 -11.53 -3.03
CA THR C 73 -27.25 -12.00 -3.72
C THR C 73 -26.13 -12.22 -2.72
N THR C 74 -25.02 -12.77 -3.21
CA THR C 74 -23.89 -13.03 -2.34
C THR C 74 -22.80 -12.01 -2.63
N VAL C 75 -23.16 -11.01 -3.43
CA VAL C 75 -22.22 -9.96 -3.80
C VAL C 75 -21.93 -8.95 -2.70
N PRO C 76 -22.97 -8.54 -1.95
CA PRO C 76 -22.77 -7.57 -0.88
C PRO C 76 -22.13 -8.02 0.44
N ILE C 77 -22.31 -9.27 0.83
CA ILE C 77 -21.76 -9.72 2.11
C ILE C 77 -20.28 -9.43 2.27
N SER C 78 -19.91 -8.92 3.43
CA SER C 78 -18.52 -8.57 3.72
C SER C 78 -17.82 -9.53 4.66
N ILE C 79 -16.50 -9.46 4.69
CA ILE C 79 -15.72 -10.30 5.57
C ILE C 79 -16.21 -10.12 7.00
N ASP C 80 -16.47 -8.87 7.37
CA ASP C 80 -16.91 -8.61 8.75
C ASP C 80 -18.28 -9.18 9.10
N GLU C 81 -19.07 -9.49 8.09
CA GLU C 81 -20.38 -10.08 8.34
C GLU C 81 -20.23 -11.59 8.46
N LEU C 82 -19.02 -12.07 8.20
CA LEU C 82 -18.75 -13.50 8.26
C LEU C 82 -17.87 -13.93 9.43
N ILE C 83 -16.73 -13.28 9.61
CA ILE C 83 -15.81 -13.64 10.70
C ILE C 83 -16.49 -13.90 12.04
N PRO C 84 -17.37 -12.97 12.48
CA PRO C 84 -18.01 -13.24 13.77
C PRO C 84 -18.88 -14.50 13.76
N LEU C 85 -19.44 -14.83 12.59
CA LEU C 85 -20.26 -16.03 12.46
C LEU C 85 -19.36 -17.25 12.50
N VAL C 86 -18.20 -17.15 11.85
CA VAL C 86 -17.25 -18.25 11.82
C VAL C 86 -16.84 -18.57 13.25
N ARG C 87 -16.48 -17.55 14.02
CA ARG C 87 -16.08 -17.77 15.40
C ARG C 87 -17.16 -18.56 16.14
N GLY C 88 -18.42 -18.19 15.91
CA GLY C 88 -19.51 -18.89 16.56
C GLY C 88 -19.58 -20.34 16.13
N VAL C 89 -19.49 -20.59 14.84
CA VAL C 89 -19.55 -21.95 14.33
C VAL C 89 -18.37 -22.75 14.85
N VAL C 90 -17.21 -22.12 14.89
CA VAL C 90 -16.02 -22.80 15.37
C VAL C 90 -16.21 -23.26 16.82
N ARG C 91 -16.88 -22.44 17.61
CA ARG C 91 -17.13 -22.78 19.01
C ARG C 91 -18.18 -23.87 19.16
N GLY C 92 -19.12 -23.93 18.23
CA GLY C 92 -20.17 -24.93 18.32
C GLY C 92 -19.89 -26.31 17.77
N ALA C 93 -18.88 -26.43 16.91
CA ALA C 93 -18.53 -27.72 16.33
C ALA C 93 -17.09 -28.09 16.58
N PRO C 94 -16.77 -28.54 17.81
CA PRO C 94 -15.43 -28.94 18.24
C PRO C 94 -14.85 -30.11 17.46
N HIS C 95 -15.71 -30.93 16.87
CA HIS C 95 -15.24 -32.08 16.13
C HIS C 95 -15.27 -31.94 14.62
N ALA C 96 -15.93 -30.90 14.13
CA ALA C 96 -16.01 -30.69 12.70
C ALA C 96 -14.85 -29.90 12.13
N LEU C 97 -14.65 -30.06 10.82
CA LEU C 97 -13.64 -29.32 10.10
C LEU C 97 -14.42 -28.12 9.62
N VAL C 98 -14.16 -26.95 10.19
CA VAL C 98 -14.88 -25.75 9.82
C VAL C 98 -14.20 -24.99 8.69
N VAL C 99 -14.92 -24.82 7.59
CA VAL C 99 -14.40 -24.12 6.42
C VAL C 99 -15.07 -22.77 6.29
N ALA C 100 -14.25 -21.72 6.19
CA ALA C 100 -14.73 -20.37 6.05
C ALA C 100 -14.62 -19.98 4.59
N ASP C 101 -15.73 -19.44 4.12
CA ASP C 101 -15.89 -19.03 2.75
C ASP C 101 -15.42 -17.59 2.48
N LEU C 102 -14.56 -17.40 1.49
CA LEU C 102 -14.08 -16.07 1.18
C LEU C 102 -15.13 -15.29 0.39
N PRO C 103 -15.55 -14.13 0.91
CA PRO C 103 -16.55 -13.24 0.31
C PRO C 103 -16.13 -12.69 -1.04
N PHE C 104 -17.12 -12.34 -1.85
CA PHE C 104 -16.84 -11.78 -3.16
C PHE C 104 -15.97 -10.55 -3.05
N GLY C 105 -14.93 -10.47 -3.88
CA GLY C 105 -14.05 -9.32 -3.85
C GLY C 105 -12.84 -9.41 -2.95
N SER C 106 -12.83 -10.36 -2.01
CA SER C 106 -11.70 -10.47 -1.10
C SER C 106 -10.46 -11.21 -1.63
N TYR C 107 -10.56 -11.87 -2.78
CA TYR C 107 -9.42 -12.64 -3.32
C TYR C 107 -9.20 -12.53 -4.82
N GLU C 108 -10.05 -11.77 -5.49
CA GLU C 108 -9.91 -11.69 -6.91
C GLU C 108 -8.74 -10.82 -7.32
N ALA C 109 -8.33 -9.93 -6.42
CA ALA C 109 -7.22 -9.03 -6.74
C ALA C 109 -5.88 -9.75 -6.93
N GLY C 110 -5.72 -10.90 -6.29
CA GLY C 110 -4.48 -11.64 -6.39
C GLY C 110 -4.13 -12.36 -5.10
N PRO C 111 -2.99 -13.03 -5.05
CA PRO C 111 -2.53 -13.79 -3.87
C PRO C 111 -2.45 -12.97 -2.59
N THR C 112 -1.79 -11.82 -2.67
CA THR C 112 -1.60 -10.97 -1.50
C THR C 112 -2.92 -10.68 -0.81
N ALA C 113 -3.91 -10.22 -1.59
CA ALA C 113 -5.21 -9.93 -1.02
C ALA C 113 -5.81 -11.21 -0.42
N ALA C 114 -5.91 -12.24 -1.24
CA ALA C 114 -6.47 -13.51 -0.80
C ALA C 114 -5.80 -14.03 0.47
N LEU C 115 -4.48 -13.91 0.55
CA LEU C 115 -3.77 -14.40 1.71
C LEU C 115 -4.16 -13.62 2.95
N ALA C 116 -4.23 -12.30 2.83
CA ALA C 116 -4.61 -11.48 3.96
C ALA C 116 -6.00 -11.85 4.46
N ALA C 117 -6.93 -12.01 3.52
CA ALA C 117 -8.30 -12.35 3.85
C ALA C 117 -8.38 -13.71 4.56
N ALA C 118 -7.75 -14.71 3.97
CA ALA C 118 -7.76 -16.05 4.54
C ALA C 118 -7.13 -16.03 5.93
N THR C 119 -6.04 -15.31 6.06
CA THR C 119 -5.35 -15.22 7.34
C THR C 119 -6.27 -14.69 8.42
N ARG C 120 -7.18 -13.78 8.05
CA ARG C 120 -8.11 -13.23 9.02
C ARG C 120 -9.06 -14.32 9.47
N PHE C 121 -9.57 -15.09 8.51
CA PHE C 121 -10.49 -16.17 8.81
C PHE C 121 -9.90 -17.25 9.71
N LEU C 122 -8.58 -17.44 9.63
CA LEU C 122 -7.93 -18.43 10.47
C LEU C 122 -7.55 -17.86 11.84
N LYS C 123 -6.75 -16.81 11.84
CA LYS C 123 -6.30 -16.20 13.08
C LYS C 123 -7.42 -15.59 13.89
N ASP C 124 -8.40 -14.98 13.22
CA ASP C 124 -9.52 -14.34 13.89
C ASP C 124 -10.72 -15.26 13.95
N GLY C 125 -11.21 -15.67 12.80
CA GLY C 125 -12.38 -16.54 12.73
C GLY C 125 -12.18 -17.87 13.40
N GLY C 126 -10.94 -18.35 13.42
CA GLY C 126 -10.65 -19.64 14.03
C GLY C 126 -10.98 -20.79 13.11
N ALA C 127 -11.22 -20.49 11.84
CA ALA C 127 -11.52 -21.50 10.85
C ALA C 127 -10.32 -22.42 10.66
N HIS C 128 -10.56 -23.60 10.09
CA HIS C 128 -9.50 -24.56 9.85
C HIS C 128 -9.07 -24.47 8.39
N ALA C 129 -10.01 -24.04 7.55
CA ALA C 129 -9.75 -23.93 6.12
C ALA C 129 -10.67 -22.88 5.52
N VAL C 130 -10.38 -22.47 4.30
CA VAL C 130 -11.20 -21.49 3.61
C VAL C 130 -11.62 -22.03 2.24
N LYS C 131 -12.73 -21.50 1.71
CA LYS C 131 -13.20 -21.91 0.41
C LYS C 131 -13.04 -20.73 -0.54
N LEU C 132 -12.32 -20.95 -1.63
CA LEU C 132 -12.05 -19.93 -2.63
C LEU C 132 -12.76 -20.32 -3.92
N GLU C 133 -13.74 -19.52 -4.33
CA GLU C 133 -14.47 -19.85 -5.55
C GLU C 133 -13.77 -19.35 -6.80
N GLY C 134 -13.62 -20.24 -7.79
CA GLY C 134 -12.97 -19.86 -9.03
C GLY C 134 -12.30 -21.00 -9.78
N GLY C 135 -11.94 -20.75 -11.02
CA GLY C 135 -11.29 -21.76 -11.83
C GLY C 135 -9.81 -21.47 -11.97
N GLU C 136 -9.26 -21.76 -13.14
CA GLU C 136 -7.85 -21.53 -13.40
C GLU C 136 -7.39 -20.15 -12.94
N ARG C 137 -8.19 -19.14 -13.27
CA ARG C 137 -7.89 -17.76 -12.91
C ARG C 137 -7.51 -17.56 -11.44
N VAL C 138 -7.89 -18.51 -10.59
CA VAL C 138 -7.63 -18.41 -9.16
C VAL C 138 -6.54 -19.34 -8.63
N ALA C 139 -5.88 -20.07 -9.54
CA ALA C 139 -4.83 -20.99 -9.13
C ALA C 139 -3.73 -20.30 -8.34
N GLU C 140 -3.30 -19.14 -8.82
CA GLU C 140 -2.24 -18.41 -8.14
C GLU C 140 -2.58 -18.17 -6.68
N GLN C 141 -3.81 -17.74 -6.42
CA GLN C 141 -4.24 -17.50 -5.06
C GLN C 141 -4.24 -18.78 -4.25
N ILE C 142 -4.82 -19.84 -4.82
CA ILE C 142 -4.86 -21.10 -4.09
C ILE C 142 -3.46 -21.57 -3.73
N ALA C 143 -2.53 -21.43 -4.66
CA ALA C 143 -1.16 -21.83 -4.41
C ALA C 143 -0.54 -21.06 -3.25
N CYS C 144 -0.67 -19.73 -3.25
CA CYS C 144 -0.09 -18.91 -2.19
C CYS C 144 -0.62 -19.36 -0.82
N LEU C 145 -1.93 -19.45 -0.68
CA LEU C 145 -2.51 -19.87 0.59
C LEU C 145 -2.03 -21.25 1.00
N THR C 146 -2.17 -22.20 0.09
CA THR C 146 -1.74 -23.56 0.34
C THR C 146 -0.29 -23.61 0.80
N ALA C 147 0.58 -22.84 0.13
CA ALA C 147 1.98 -22.81 0.51
C ALA C 147 2.18 -22.14 1.85
N ALA C 148 1.24 -21.28 2.23
CA ALA C 148 1.34 -20.57 3.50
C ALA C 148 0.92 -21.49 4.63
N GLY C 149 0.34 -22.64 4.26
CA GLY C 149 -0.10 -23.58 5.28
C GLY C 149 -1.59 -23.46 5.54
N ILE C 150 -2.31 -22.81 4.63
CA ILE C 150 -3.75 -22.63 4.78
C ILE C 150 -4.50 -23.60 3.88
N PRO C 151 -5.24 -24.53 4.48
CA PRO C 151 -6.02 -25.51 3.73
C PRO C 151 -7.06 -24.80 2.87
N VAL C 152 -7.07 -25.07 1.58
CA VAL C 152 -8.01 -24.43 0.69
C VAL C 152 -8.95 -25.41 0.01
N MET C 153 -10.25 -25.14 0.11
CA MET C 153 -11.26 -25.97 -0.55
C MET C 153 -11.64 -25.18 -1.80
N ALA C 154 -11.42 -25.77 -2.97
CA ALA C 154 -11.75 -25.09 -4.20
C ALA C 154 -13.23 -25.18 -4.49
N HIS C 155 -13.68 -24.41 -5.48
CA HIS C 155 -15.08 -24.36 -5.87
C HIS C 155 -15.15 -24.00 -7.34
N ILE C 156 -15.52 -24.97 -8.17
CA ILE C 156 -15.62 -24.75 -9.60
C ILE C 156 -17.06 -25.02 -10.07
N GLY C 157 -17.39 -24.49 -11.24
CA GLY C 157 -18.73 -24.70 -11.76
C GLY C 157 -18.75 -24.96 -13.25
N PHE C 158 -19.97 -25.00 -13.79
CA PHE C 158 -20.18 -25.25 -15.22
C PHE C 158 -21.00 -24.11 -15.81
N THR C 159 -20.42 -23.39 -16.77
CA THR C 159 -21.13 -22.27 -17.37
C THR C 159 -21.17 -22.40 -18.89
N PRO C 160 -22.28 -22.95 -19.44
CA PRO C 160 -22.47 -23.14 -20.88
C PRO C 160 -22.07 -21.92 -21.71
N GLY C 175 -20.65 -27.67 -24.06
CA GLY C 175 -19.60 -27.78 -25.05
C GLY C 175 -18.22 -27.46 -24.48
N ASP C 176 -17.63 -26.35 -24.94
CA ASP C 176 -16.31 -25.91 -24.45
C ASP C 176 -16.37 -25.77 -22.93
N ALA C 177 -17.57 -25.50 -22.43
CA ALA C 177 -17.80 -25.33 -21.01
C ALA C 177 -17.24 -26.52 -20.23
N ALA C 178 -17.61 -27.74 -20.65
CA ALA C 178 -17.14 -28.94 -19.98
C ALA C 178 -15.62 -29.02 -19.98
N GLU C 179 -15.00 -28.47 -21.02
CA GLU C 179 -13.54 -28.47 -21.11
C GLU C 179 -12.99 -27.59 -20.00
N GLN C 180 -13.52 -26.38 -19.90
CA GLN C 180 -13.11 -25.40 -18.89
C GLN C 180 -13.28 -25.95 -17.48
N THR C 181 -14.45 -26.54 -17.22
CA THR C 181 -14.72 -27.12 -15.92
C THR C 181 -13.58 -28.07 -15.56
N ILE C 182 -13.22 -28.90 -16.53
CA ILE C 182 -12.14 -29.87 -16.37
C ILE C 182 -10.81 -29.15 -16.11
N ALA C 183 -10.52 -28.16 -16.93
CA ALA C 183 -9.29 -27.39 -16.78
C ALA C 183 -9.25 -26.81 -15.36
N ASP C 184 -10.38 -26.28 -14.92
CA ASP C 184 -10.46 -25.69 -13.60
C ASP C 184 -10.23 -26.75 -12.53
N ALA C 185 -10.91 -27.88 -12.65
CA ALA C 185 -10.75 -28.97 -11.70
C ALA C 185 -9.27 -29.34 -11.58
N ILE C 186 -8.61 -29.44 -12.72
CA ILE C 186 -7.19 -29.79 -12.75
C ILE C 186 -6.33 -28.71 -12.13
N ALA C 187 -6.45 -27.50 -12.65
CA ALA C 187 -5.67 -26.35 -12.17
C ALA C 187 -5.82 -26.16 -10.66
N VAL C 188 -7.07 -26.19 -10.21
CA VAL C 188 -7.39 -26.01 -8.80
C VAL C 188 -6.69 -27.03 -7.92
N ALA C 189 -6.70 -28.29 -8.34
CA ALA C 189 -6.04 -29.34 -7.57
C ALA C 189 -4.54 -29.15 -7.62
N GLU C 190 -4.03 -28.78 -8.79
CA GLU C 190 -2.60 -28.55 -8.97
C GLU C 190 -2.14 -27.46 -8.01
N ALA C 191 -2.99 -26.45 -7.83
CA ALA C 191 -2.69 -25.33 -6.94
C ALA C 191 -2.53 -25.76 -5.48
N GLY C 192 -3.13 -26.90 -5.12
CA GLY C 192 -3.01 -27.38 -3.75
C GLY C 192 -4.29 -27.63 -3.00
N ALA C 193 -5.43 -27.31 -3.59
CA ALA C 193 -6.71 -27.51 -2.91
C ALA C 193 -6.82 -28.92 -2.35
N PHE C 194 -7.22 -29.04 -1.09
CA PHE C 194 -7.36 -30.35 -0.46
C PHE C 194 -8.67 -31.02 -0.87
N ALA C 195 -9.52 -30.25 -1.54
CA ALA C 195 -10.81 -30.76 -2.00
C ALA C 195 -11.41 -29.72 -2.92
N VAL C 196 -12.46 -30.08 -3.65
CA VAL C 196 -13.08 -29.15 -4.57
C VAL C 196 -14.59 -29.34 -4.65
N VAL C 197 -15.30 -28.22 -4.68
CA VAL C 197 -16.75 -28.23 -4.77
C VAL C 197 -17.19 -28.06 -6.23
N MET C 198 -18.07 -28.95 -6.66
CA MET C 198 -18.59 -28.91 -8.01
C MET C 198 -20.06 -28.53 -7.90
N GLU C 199 -20.38 -27.30 -8.27
CA GLU C 199 -21.73 -26.81 -8.17
C GLU C 199 -22.39 -26.61 -9.53
N MET C 200 -23.56 -27.22 -9.70
CA MET C 200 -24.31 -27.14 -10.95
C MET C 200 -23.48 -27.69 -12.10
N VAL C 201 -22.89 -28.86 -11.86
CA VAL C 201 -22.07 -29.52 -12.87
C VAL C 201 -22.76 -30.80 -13.35
N PRO C 202 -22.88 -30.94 -14.68
CA PRO C 202 -23.53 -32.12 -15.28
C PRO C 202 -22.97 -33.41 -14.66
N ALA C 203 -23.87 -34.16 -14.05
CA ALA C 203 -23.53 -35.41 -13.37
C ALA C 203 -22.49 -36.25 -14.12
N GLU C 204 -22.63 -36.35 -15.44
CA GLU C 204 -21.70 -37.11 -16.25
C GLU C 204 -20.28 -36.57 -16.10
N LEU C 205 -20.13 -35.28 -16.41
CA LEU C 205 -18.85 -34.60 -16.32
C LEU C 205 -18.32 -34.70 -14.90
N ALA C 206 -19.21 -34.50 -13.93
CA ALA C 206 -18.84 -34.58 -12.54
C ALA C 206 -18.22 -35.94 -12.23
N THR C 207 -18.97 -36.99 -12.57
CA THR C 207 -18.53 -38.36 -12.35
C THR C 207 -17.07 -38.54 -12.75
N GLN C 208 -16.77 -38.15 -13.98
CA GLN C 208 -15.42 -38.27 -14.50
C GLN C 208 -14.42 -37.50 -13.66
N ILE C 209 -14.64 -36.19 -13.58
CA ILE C 209 -13.76 -35.32 -12.81
C ILE C 209 -13.47 -35.96 -11.46
N THR C 210 -14.52 -36.47 -10.82
CA THR C 210 -14.37 -37.11 -9.52
C THR C 210 -13.36 -38.24 -9.62
N GLY C 211 -13.51 -39.08 -10.64
CA GLY C 211 -12.61 -40.19 -10.83
C GLY C 211 -11.24 -39.75 -11.29
N LYS C 212 -11.16 -38.63 -12.00
CA LYS C 212 -9.89 -38.11 -12.51
C LYS C 212 -9.04 -37.36 -11.49
N LEU C 213 -9.67 -36.82 -10.44
CA LEU C 213 -8.92 -36.08 -9.42
C LEU C 213 -8.49 -36.96 -8.26
N THR C 214 -7.37 -36.58 -7.64
CA THR C 214 -6.82 -37.31 -6.50
C THR C 214 -7.51 -36.82 -5.23
N ILE C 215 -7.93 -35.57 -5.25
CA ILE C 215 -8.61 -34.96 -4.10
C ILE C 215 -10.12 -35.19 -4.17
N PRO C 216 -10.79 -35.19 -3.02
CA PRO C 216 -12.23 -35.40 -2.92
C PRO C 216 -13.02 -34.32 -3.66
N THR C 217 -14.16 -34.69 -4.21
CA THR C 217 -15.02 -33.74 -4.91
C THR C 217 -16.29 -33.64 -4.09
N VAL C 218 -16.71 -32.41 -3.76
CA VAL C 218 -17.93 -32.26 -2.99
C VAL C 218 -18.96 -31.63 -3.89
N GLY C 219 -20.05 -32.35 -4.10
CA GLY C 219 -21.06 -31.84 -4.98
C GLY C 219 -22.34 -31.31 -4.37
N ILE C 220 -22.97 -30.44 -5.16
CA ILE C 220 -24.23 -29.82 -4.84
C ILE C 220 -24.83 -29.59 -6.22
N GLY C 221 -25.76 -30.47 -6.60
CA GLY C 221 -26.34 -30.39 -7.92
C GLY C 221 -25.26 -30.81 -8.90
N ALA C 222 -24.47 -31.78 -8.49
CA ALA C 222 -23.37 -32.27 -9.32
C ALA C 222 -23.55 -33.75 -9.64
N GLY C 223 -24.61 -34.34 -9.10
CA GLY C 223 -24.83 -35.74 -9.34
C GLY C 223 -24.41 -36.54 -8.13
N PRO C 224 -24.63 -37.86 -8.13
CA PRO C 224 -24.28 -38.75 -7.01
C PRO C 224 -22.82 -39.21 -7.02
N ASN C 225 -22.12 -38.98 -8.11
CA ASN C 225 -20.73 -39.42 -8.20
C ASN C 225 -19.70 -38.42 -7.75
N CYS C 226 -19.74 -38.09 -6.46
CA CYS C 226 -18.82 -37.14 -5.86
C CYS C 226 -18.41 -37.75 -4.53
N ASP C 227 -17.16 -37.58 -4.15
CA ASP C 227 -16.65 -38.13 -2.89
C ASP C 227 -17.46 -37.66 -1.67
N GLY C 228 -18.17 -36.54 -1.83
CA GLY C 228 -18.98 -36.00 -0.76
C GLY C 228 -20.07 -35.08 -1.29
N GLN C 229 -21.02 -34.74 -0.43
CA GLN C 229 -22.13 -33.88 -0.81
C GLN C 229 -22.26 -32.67 0.12
N VAL C 230 -22.80 -31.57 -0.41
CA VAL C 230 -22.98 -30.37 0.39
C VAL C 230 -24.30 -29.67 0.08
N LEU C 231 -24.98 -29.22 1.13
CA LEU C 231 -26.24 -28.50 0.99
C LEU C 231 -26.33 -27.38 2.01
N VAL C 232 -27.10 -26.35 1.68
CA VAL C 232 -27.31 -25.24 2.59
C VAL C 232 -28.34 -25.80 3.58
N TRP C 233 -27.97 -25.89 4.85
CA TRP C 233 -28.90 -26.47 5.82
C TRP C 233 -30.31 -25.90 5.79
N GLN C 234 -30.44 -24.63 5.43
CA GLN C 234 -31.75 -24.00 5.36
C GLN C 234 -32.63 -24.77 4.40
N ASP C 235 -32.08 -25.18 3.27
CA ASP C 235 -32.83 -25.91 2.27
C ASP C 235 -33.02 -27.35 2.72
N MET C 236 -31.93 -27.94 3.21
CA MET C 236 -31.94 -29.32 3.67
C MET C 236 -33.05 -29.56 4.70
N ALA C 237 -33.32 -28.57 5.54
CA ALA C 237 -34.33 -28.73 6.57
C ALA C 237 -35.58 -27.86 6.38
N GLY C 238 -35.79 -27.38 5.16
CA GLY C 238 -36.95 -26.55 4.89
C GLY C 238 -37.10 -25.44 5.92
N PHE C 239 -36.18 -24.49 5.89
CA PHE C 239 -36.18 -23.37 6.83
C PHE C 239 -36.30 -22.06 6.07
N SER C 240 -36.13 -22.13 4.75
CA SER C 240 -36.22 -20.94 3.92
C SER C 240 -37.20 -21.19 2.79
N GLY C 241 -38.18 -20.30 2.66
CA GLY C 241 -39.18 -20.42 1.61
C GLY C 241 -39.74 -21.82 1.49
N ALA C 242 -40.25 -22.13 0.31
CA ALA C 242 -40.83 -23.45 0.05
C ALA C 242 -40.33 -24.00 -1.27
N LYS C 243 -39.61 -23.18 -2.03
CA LYS C 243 -39.09 -23.60 -3.33
C LYS C 243 -37.82 -24.43 -3.27
N THR C 244 -37.97 -25.74 -3.05
CA THR C 244 -36.80 -26.60 -3.00
C THR C 244 -36.41 -26.91 -4.45
N ALA C 245 -35.26 -26.40 -4.88
CA ALA C 245 -34.78 -26.64 -6.24
C ALA C 245 -34.54 -28.12 -6.49
N ARG C 246 -34.31 -28.48 -7.75
CA ARG C 246 -34.09 -29.87 -8.12
C ARG C 246 -32.97 -30.58 -7.36
N PHE C 247 -31.81 -29.94 -7.25
CA PHE C 247 -30.67 -30.55 -6.57
C PHE C 247 -30.78 -30.65 -5.05
N VAL C 248 -31.87 -30.12 -4.50
CA VAL C 248 -32.06 -30.16 -3.04
C VAL C 248 -33.16 -31.12 -2.62
N LYS C 249 -32.88 -31.91 -1.60
CA LYS C 249 -33.89 -32.83 -1.08
C LYS C 249 -34.31 -32.29 0.28
N ARG C 250 -35.61 -32.04 0.43
CA ARG C 250 -36.14 -31.50 1.68
C ARG C 250 -36.28 -32.62 2.72
N TYR C 251 -35.30 -32.72 3.63
CA TYR C 251 -35.32 -33.76 4.66
C TYR C 251 -36.23 -33.47 5.84
N ALA C 252 -36.92 -32.34 5.81
CA ALA C 252 -37.83 -31.98 6.91
C ALA C 252 -38.45 -30.60 6.67
N ASP C 253 -39.27 -30.19 7.63
CA ASP C 253 -39.92 -28.89 7.58
C ASP C 253 -39.66 -28.23 8.93
N VAL C 254 -38.38 -28.06 9.25
CA VAL C 254 -37.98 -27.44 10.50
C VAL C 254 -38.53 -26.01 10.58
N GLY C 255 -38.62 -25.37 9.42
CA GLY C 255 -39.15 -24.02 9.38
C GLY C 255 -40.60 -24.03 9.83
N GLY C 256 -41.40 -24.86 9.17
CA GLY C 256 -42.81 -24.97 9.52
C GLY C 256 -42.99 -25.30 10.98
N GLU C 257 -42.21 -26.26 11.47
CA GLU C 257 -42.29 -26.68 12.86
C GLU C 257 -42.10 -25.47 13.77
N LEU C 258 -41.24 -24.55 13.34
CA LEU C 258 -40.97 -23.34 14.13
C LEU C 258 -42.16 -22.38 14.06
N ARG C 259 -42.87 -22.40 12.94
CA ARG C 259 -44.02 -21.51 12.80
C ARG C 259 -45.09 -21.81 13.84
N ARG C 260 -45.48 -23.08 13.99
CA ARG C 260 -46.50 -23.38 14.98
C ARG C 260 -45.98 -23.05 16.36
N ALA C 261 -44.79 -23.56 16.68
CA ALA C 261 -44.19 -23.32 17.99
C ALA C 261 -44.41 -21.85 18.35
N ALA C 262 -44.16 -20.98 17.37
CA ALA C 262 -44.32 -19.55 17.58
C ALA C 262 -45.80 -19.20 17.69
N MET C 263 -46.60 -19.69 16.74
CA MET C 263 -48.02 -19.41 16.73
C MET C 263 -48.71 -19.92 18.00
N GLN C 264 -48.36 -21.12 18.43
CA GLN C 264 -48.97 -21.65 19.62
C GLN C 264 -48.54 -20.83 20.82
N TYR C 265 -47.26 -20.51 20.87
CA TYR C 265 -46.72 -19.69 21.96
C TYR C 265 -47.53 -18.39 22.05
N ALA C 266 -47.71 -17.76 20.90
CA ALA C 266 -48.45 -16.51 20.83
C ALA C 266 -49.87 -16.64 21.39
N GLN C 267 -50.59 -17.66 20.94
CA GLN C 267 -51.96 -17.87 21.38
C GLN C 267 -52.05 -18.13 22.88
N GLU C 268 -51.14 -18.95 23.39
CA GLU C 268 -51.14 -19.26 24.83
C GLU C 268 -50.90 -17.99 25.64
N VAL C 269 -50.07 -17.10 25.09
CA VAL C 269 -49.76 -15.84 25.75
C VAL C 269 -51.05 -15.03 25.80
N ALA C 270 -51.73 -14.97 24.66
CA ALA C 270 -52.97 -14.24 24.55
C ALA C 270 -54.03 -14.88 25.42
N GLY C 271 -53.97 -16.22 25.52
CA GLY C 271 -54.95 -16.93 26.31
C GLY C 271 -54.58 -17.04 27.78
N GLY C 272 -53.55 -16.33 28.20
CA GLY C 272 -53.14 -16.38 29.60
C GLY C 272 -52.70 -17.76 30.04
N VAL C 273 -52.69 -18.73 29.13
CA VAL C 273 -52.27 -20.09 29.48
C VAL C 273 -50.76 -20.09 29.76
N PHE C 274 -50.03 -19.19 29.08
CA PHE C 274 -48.60 -19.03 29.30
C PHE C 274 -48.29 -17.57 29.62
N PRO C 275 -47.43 -17.33 30.63
CA PRO C 275 -46.81 -18.41 31.41
C PRO C 275 -47.77 -18.99 32.45
N ALA C 276 -47.48 -20.21 32.88
CA ALA C 276 -48.29 -20.86 33.91
C ALA C 276 -47.63 -20.47 35.24
N ASP C 277 -47.76 -21.33 36.25
CA ASP C 277 -47.16 -21.06 37.54
C ASP C 277 -45.79 -21.73 37.64
N GLU C 278 -45.64 -22.88 36.99
CA GLU C 278 -44.37 -23.60 36.99
C GLU C 278 -43.34 -22.65 36.38
N HIS C 279 -43.85 -21.57 35.79
CA HIS C 279 -43.02 -20.55 35.16
C HIS C 279 -43.04 -19.30 36.04
N ARG D 18 -15.33 35.06 -23.62
CA ARG D 18 -14.55 34.89 -24.86
C ARG D 18 -14.10 33.43 -24.94
N THR D 19 -12.88 33.20 -25.44
CA THR D 19 -12.37 31.83 -25.58
C THR D 19 -11.49 31.35 -24.42
N LYS D 20 -11.75 30.12 -23.98
CA LYS D 20 -10.98 29.50 -22.90
C LYS D 20 -9.81 28.75 -23.53
N ILE D 21 -8.60 29.18 -23.21
CA ILE D 21 -7.41 28.56 -23.75
C ILE D 21 -7.34 27.07 -23.42
N ARG D 22 -7.01 26.27 -24.43
CA ARG D 22 -6.88 24.83 -24.26
C ARG D 22 -5.50 24.50 -24.79
N THR D 23 -5.02 23.31 -24.48
CA THR D 23 -3.70 22.91 -24.92
C THR D 23 -3.52 22.97 -26.44
N HIS D 24 -4.54 22.54 -27.19
CA HIS D 24 -4.39 22.57 -28.65
C HIS D 24 -4.08 23.97 -29.17
N HIS D 25 -4.56 24.99 -28.46
CA HIS D 25 -4.32 26.36 -28.86
C HIS D 25 -2.82 26.64 -28.91
N LEU D 26 -2.10 26.15 -27.90
CA LEU D 26 -0.66 26.34 -27.84
C LEU D 26 0.00 25.68 -29.03
N GLN D 27 -0.57 24.56 -29.47
CA GLN D 27 -0.03 23.85 -30.60
C GLN D 27 -0.27 24.67 -31.86
N ARG D 28 -1.51 25.13 -32.06
CA ARG D 28 -1.82 25.95 -33.22
C ARG D 28 -0.86 27.13 -33.28
N TRP D 29 -0.70 27.80 -32.14
CA TRP D 29 0.18 28.96 -32.08
C TRP D 29 1.61 28.66 -32.50
N LYS D 30 2.08 27.45 -32.23
CA LYS D 30 3.45 27.11 -32.62
C LYS D 30 3.46 27.08 -34.15
N ALA D 31 2.35 26.60 -34.70
CA ALA D 31 2.21 26.51 -36.14
C ALA D 31 2.14 27.89 -36.78
N ASP D 32 1.24 28.73 -36.25
CA ASP D 32 1.09 30.08 -36.79
C ASP D 32 2.25 31.00 -36.41
N GLY D 33 3.19 30.48 -35.61
CA GLY D 33 4.32 31.28 -35.20
C GLY D 33 4.00 32.34 -34.16
N HIS D 34 2.89 32.15 -33.44
CA HIS D 34 2.47 33.08 -32.42
C HIS D 34 3.17 32.80 -31.09
N LYS D 35 4.01 33.74 -30.66
CA LYS D 35 4.75 33.58 -29.40
C LYS D 35 3.85 34.04 -28.25
N TRP D 36 3.42 33.09 -27.41
CA TRP D 36 2.55 33.39 -26.28
C TRP D 36 3.30 33.54 -24.95
N ALA D 37 2.67 34.26 -24.02
CA ALA D 37 3.27 34.52 -22.73
C ALA D 37 2.60 33.77 -21.59
N MET D 38 3.42 33.21 -20.72
CA MET D 38 2.94 32.47 -19.56
C MET D 38 3.41 33.19 -18.32
N LEU D 39 2.50 33.37 -17.39
CA LEU D 39 2.81 34.04 -16.15
C LEU D 39 2.48 33.14 -14.98
N THR D 40 3.30 33.24 -13.93
CA THR D 40 3.09 32.45 -12.73
C THR D 40 2.00 33.17 -11.92
N ALA D 41 1.18 32.43 -11.20
CA ALA D 41 0.11 33.02 -10.39
C ALA D 41 -0.15 32.15 -9.17
N TYR D 42 -0.50 32.75 -8.03
CA TYR D 42 -0.73 31.96 -6.83
C TYR D 42 -1.96 32.30 -6.01
N ASP D 43 -2.82 33.18 -6.51
CA ASP D 43 -4.04 33.50 -5.78
C ASP D 43 -5.13 34.02 -6.70
N TYR D 44 -6.35 34.07 -6.17
CA TYR D 44 -7.51 34.51 -6.92
C TYR D 44 -7.42 35.90 -7.54
N SER D 45 -7.08 36.89 -6.72
CA SER D 45 -6.97 38.28 -7.19
C SER D 45 -5.95 38.47 -8.29
N THR D 46 -4.80 37.80 -8.15
CA THR D 46 -3.75 37.93 -9.14
C THR D 46 -4.22 37.29 -10.44
N ALA D 47 -4.74 36.08 -10.35
CA ALA D 47 -5.22 35.38 -11.52
C ALA D 47 -6.28 36.20 -12.25
N ARG D 48 -7.20 36.77 -11.50
CA ARG D 48 -8.26 37.58 -12.09
C ARG D 48 -7.64 38.69 -12.95
N ILE D 49 -6.60 39.33 -12.43
CA ILE D 49 -5.93 40.40 -13.16
C ILE D 49 -5.29 39.88 -14.45
N PHE D 50 -4.46 38.86 -14.33
CA PHE D 50 -3.81 38.30 -15.50
C PHE D 50 -4.81 37.80 -16.53
N ASP D 51 -5.95 37.30 -16.05
CA ASP D 51 -6.97 36.78 -16.96
C ASP D 51 -7.55 37.93 -17.76
N GLU D 52 -7.98 38.99 -17.09
CA GLU D 52 -8.53 40.14 -17.79
C GLU D 52 -7.42 40.97 -18.45
N ALA D 53 -6.20 40.47 -18.39
CA ALA D 53 -5.06 41.13 -19.01
C ALA D 53 -4.72 40.34 -20.25
N GLY D 54 -5.46 39.25 -20.44
CA GLY D 54 -5.26 38.41 -21.60
C GLY D 54 -4.25 37.28 -21.53
N ILE D 55 -3.57 37.10 -20.40
CA ILE D 55 -2.59 36.01 -20.31
C ILE D 55 -3.32 34.70 -20.53
N PRO D 56 -2.88 33.90 -21.53
CA PRO D 56 -3.47 32.62 -21.88
C PRO D 56 -3.16 31.45 -20.96
N VAL D 57 -1.95 31.44 -20.40
CA VAL D 57 -1.55 30.34 -19.53
C VAL D 57 -1.02 30.80 -18.18
N LEU D 58 -1.56 30.21 -17.11
CA LEU D 58 -1.14 30.53 -15.75
C LEU D 58 -0.51 29.32 -15.07
N LEU D 59 0.63 29.56 -14.44
CA LEU D 59 1.37 28.51 -13.74
C LEU D 59 1.39 28.67 -12.23
N VAL D 60 0.69 27.78 -11.52
CA VAL D 60 0.72 27.81 -10.06
C VAL D 60 1.99 27.06 -9.72
N GLY D 61 3.10 27.76 -9.86
CA GLY D 61 4.43 27.21 -9.64
C GLY D 61 4.81 26.79 -8.25
N ASP D 62 5.89 26.02 -8.18
CA ASP D 62 6.37 25.54 -6.91
C ASP D 62 7.24 26.65 -6.36
N SER D 63 7.37 27.68 -7.20
CA SER D 63 8.12 28.87 -6.90
C SER D 63 7.37 29.61 -5.82
N ALA D 64 6.13 29.21 -5.60
CA ALA D 64 5.29 29.81 -4.57
C ALA D 64 5.96 29.61 -3.22
N ALA D 65 6.77 28.56 -3.16
CA ALA D 65 7.51 28.21 -1.96
C ALA D 65 8.27 29.42 -1.44
N ASN D 66 8.86 30.18 -2.37
CA ASN D 66 9.60 31.38 -2.02
C ASN D 66 8.67 32.56 -1.90
N VAL D 67 8.11 33.01 -3.02
CA VAL D 67 7.25 34.19 -3.02
C VAL D 67 6.00 34.14 -2.17
N VAL D 68 5.46 32.96 -1.93
CA VAL D 68 4.26 32.89 -1.12
C VAL D 68 4.54 32.52 0.32
N TYR D 69 5.35 31.49 0.53
CA TYR D 69 5.61 31.02 1.88
C TYR D 69 6.93 31.39 2.54
N GLY D 70 7.81 32.04 1.80
CA GLY D 70 9.08 32.43 2.37
C GLY D 70 10.10 31.35 2.58
N TYR D 71 9.97 30.22 1.88
CA TYR D 71 10.96 29.16 2.00
C TYR D 71 12.12 29.62 1.12
N ASP D 72 13.34 29.32 1.51
CA ASP D 72 14.47 29.75 0.71
C ASP D 72 14.74 28.74 -0.40
N THR D 73 13.86 27.75 -0.51
CA THR D 73 13.99 26.71 -1.53
C THR D 73 12.61 26.19 -1.94
N THR D 74 12.59 25.34 -2.95
CA THR D 74 11.33 24.76 -3.40
C THR D 74 11.22 23.34 -2.91
N VAL D 75 12.15 22.94 -2.05
CA VAL D 75 12.17 21.59 -1.53
C VAL D 75 11.11 21.30 -0.47
N PRO D 76 10.86 22.25 0.44
CA PRO D 76 9.86 22.04 1.48
C PRO D 76 8.38 22.14 1.14
N ILE D 77 8.01 22.93 0.15
CA ILE D 77 6.61 23.11 -0.18
C ILE D 77 5.87 21.80 -0.43
N SER D 78 4.68 21.67 0.15
CA SER D 78 3.89 20.46 0.03
C SER D 78 2.67 20.61 -0.88
N ILE D 79 2.13 19.48 -1.30
CA ILE D 79 0.95 19.50 -2.15
C ILE D 79 -0.14 20.30 -1.49
N ASP D 80 -0.31 20.14 -0.19
CA ASP D 80 -1.37 20.86 0.50
C ASP D 80 -1.18 22.36 0.57
N GLU D 81 0.06 22.83 0.39
CA GLU D 81 0.32 24.25 0.38
C GLU D 81 0.07 24.79 -1.02
N LEU D 82 -0.22 23.89 -1.95
CA LEU D 82 -0.46 24.29 -3.33
C LEU D 82 -1.90 24.14 -3.80
N ILE D 83 -2.50 22.97 -3.57
CA ILE D 83 -3.87 22.73 -4.01
C ILE D 83 -4.83 23.88 -3.68
N PRO D 84 -4.83 24.37 -2.43
CA PRO D 84 -5.76 25.46 -2.16
C PRO D 84 -5.47 26.71 -2.99
N LEU D 85 -4.21 26.93 -3.32
CA LEU D 85 -3.85 28.09 -4.14
C LEU D 85 -4.32 27.84 -5.56
N VAL D 86 -4.18 26.61 -6.04
CA VAL D 86 -4.62 26.26 -7.38
C VAL D 86 -6.10 26.56 -7.53
N ARG D 87 -6.88 26.11 -6.54
CA ARG D 87 -8.32 26.32 -6.58
C ARG D 87 -8.60 27.80 -6.74
N GLY D 88 -7.86 28.62 -6.01
CA GLY D 88 -8.05 30.06 -6.10
C GLY D 88 -7.72 30.59 -7.49
N VAL D 89 -6.58 30.18 -8.03
CA VAL D 89 -6.18 30.62 -9.35
C VAL D 89 -7.18 30.14 -10.40
N VAL D 90 -7.66 28.92 -10.24
CA VAL D 90 -8.63 28.37 -11.18
C VAL D 90 -9.91 29.22 -11.21
N ARG D 91 -10.30 29.73 -10.05
CA ARG D 91 -11.49 30.55 -9.96
C ARG D 91 -11.27 31.94 -10.52
N GLY D 92 -10.05 32.44 -10.44
CA GLY D 92 -9.76 33.77 -10.93
C GLY D 92 -9.46 33.91 -12.41
N ALA D 93 -9.10 32.83 -13.08
CA ALA D 93 -8.78 32.90 -14.50
C ALA D 93 -9.62 31.91 -15.31
N PRO D 94 -10.88 32.28 -15.57
CA PRO D 94 -11.84 31.46 -16.33
C PRO D 94 -11.44 31.21 -17.76
N HIS D 95 -10.58 32.07 -18.32
CA HIS D 95 -10.17 31.91 -19.71
C HIS D 95 -8.79 31.34 -19.89
N ALA D 96 -8.01 31.30 -18.82
CA ALA D 96 -6.65 30.79 -18.91
C ALA D 96 -6.54 29.28 -18.74
N LEU D 97 -5.45 28.74 -19.24
CA LEU D 97 -5.16 27.32 -19.11
C LEU D 97 -4.32 27.31 -17.84
N VAL D 98 -4.89 26.81 -16.76
CA VAL D 98 -4.19 26.76 -15.48
C VAL D 98 -3.38 25.49 -15.30
N VAL D 99 -2.07 25.66 -15.12
CA VAL D 99 -1.17 24.53 -14.93
C VAL D 99 -0.68 24.45 -13.50
N ALA D 100 -0.85 23.30 -12.88
CA ALA D 100 -0.42 23.08 -11.51
C ALA D 100 0.90 22.33 -11.53
N ASP D 101 1.90 22.90 -10.86
CA ASP D 101 3.23 22.32 -10.77
C ASP D 101 3.26 21.25 -9.68
N LEU D 102 3.87 20.11 -9.95
CA LEU D 102 3.97 19.05 -8.95
C LEU D 102 5.16 19.32 -8.03
N PRO D 103 4.92 19.38 -6.71
CA PRO D 103 5.92 19.64 -5.68
C PRO D 103 7.03 18.59 -5.63
N PHE D 104 8.17 18.99 -5.11
CA PHE D 104 9.29 18.08 -4.98
C PHE D 104 8.91 16.85 -4.16
N GLY D 105 9.27 15.66 -4.66
CA GLY D 105 8.97 14.44 -3.95
C GLY D 105 7.65 13.78 -4.27
N SER D 106 6.73 14.48 -4.93
CA SER D 106 5.42 13.92 -5.24
C SER D 106 5.33 13.04 -6.49
N TYR D 107 6.42 12.93 -7.26
CA TYR D 107 6.41 12.14 -8.50
C TYR D 107 7.69 11.38 -8.81
N GLU D 108 8.70 11.59 -8.01
CA GLU D 108 9.95 10.93 -8.29
C GLU D 108 9.89 9.44 -8.02
N ALA D 109 8.97 9.01 -7.15
CA ALA D 109 8.86 7.61 -6.83
C ALA D 109 8.44 6.72 -8.01
N GLY D 110 7.74 7.30 -8.97
CA GLY D 110 7.27 6.53 -10.10
C GLY D 110 5.92 6.99 -10.61
N PRO D 111 5.36 6.32 -11.62
CA PRO D 111 4.06 6.67 -12.21
C PRO D 111 2.90 6.69 -11.22
N THR D 112 2.77 5.62 -10.44
CA THR D 112 1.69 5.51 -9.48
C THR D 112 1.61 6.73 -8.59
N ALA D 113 2.73 7.09 -7.98
CA ALA D 113 2.76 8.25 -7.11
C ALA D 113 2.37 9.50 -7.91
N ALA D 114 3.09 9.73 -9.01
CA ALA D 114 2.86 10.89 -9.85
C ALA D 114 1.40 10.99 -10.29
N LEU D 115 0.81 9.86 -10.63
CA LEU D 115 -0.58 9.86 -11.08
C LEU D 115 -1.51 10.29 -9.97
N ALA D 116 -1.29 9.75 -8.77
CA ALA D 116 -2.14 10.11 -7.64
C ALA D 116 -2.04 11.61 -7.36
N ALA D 117 -0.81 12.13 -7.34
CA ALA D 117 -0.57 13.55 -7.09
C ALA D 117 -1.27 14.42 -8.12
N ALA D 118 -1.05 14.13 -9.40
CA ALA D 118 -1.64 14.89 -10.48
C ALA D 118 -3.17 14.83 -10.40
N THR D 119 -3.69 13.66 -10.11
CA THR D 119 -5.13 13.49 -10.02
C THR D 119 -5.72 14.39 -8.95
N ARG D 120 -4.95 14.64 -7.90
CA ARG D 120 -5.40 15.51 -6.82
C ARG D 120 -5.50 16.92 -7.35
N PHE D 121 -4.47 17.35 -8.08
CA PHE D 121 -4.46 18.68 -8.64
C PHE D 121 -5.60 18.94 -9.62
N LEU D 122 -6.06 17.90 -10.31
CA LEU D 122 -7.15 18.08 -11.26
C LEU D 122 -8.51 17.97 -10.58
N LYS D 123 -8.75 16.85 -9.92
CA LYS D 123 -10.03 16.65 -9.26
C LYS D 123 -10.30 17.62 -8.11
N ASP D 124 -9.25 17.94 -7.36
CA ASP D 124 -9.38 18.84 -6.23
C ASP D 124 -9.00 20.27 -6.60
N GLY D 125 -7.77 20.45 -7.05
CA GLY D 125 -7.30 21.78 -7.43
C GLY D 125 -8.07 22.40 -8.57
N GLY D 126 -8.61 21.57 -9.45
CA GLY D 126 -9.35 22.10 -10.57
C GLY D 126 -8.46 22.51 -11.70
N ALA D 127 -7.17 22.17 -11.60
CA ALA D 127 -6.21 22.51 -12.64
C ALA D 127 -6.59 21.84 -13.95
N HIS D 128 -6.03 22.34 -15.05
CA HIS D 128 -6.30 21.76 -16.37
C HIS D 128 -5.14 20.87 -16.79
N ALA D 129 -3.97 21.17 -16.23
CA ALA D 129 -2.76 20.41 -16.54
C ALA D 129 -1.79 20.53 -15.39
N VAL D 130 -0.76 19.69 -15.39
CA VAL D 130 0.26 19.75 -14.36
C VAL D 130 1.64 19.86 -14.99
N LYS D 131 2.61 20.37 -14.21
CA LYS D 131 3.97 20.51 -14.70
C LYS D 131 4.83 19.55 -13.90
N LEU D 132 5.54 18.68 -14.61
CA LEU D 132 6.39 17.67 -14.01
C LEU D 132 7.83 17.99 -14.39
N GLU D 133 8.66 18.33 -13.42
CA GLU D 133 10.04 18.68 -13.70
C GLU D 133 10.94 17.44 -13.78
N GLY D 134 11.73 17.35 -14.85
CA GLY D 134 12.62 16.22 -15.01
C GLY D 134 12.95 15.90 -16.44
N GLY D 135 13.97 15.04 -16.63
CA GLY D 135 14.37 14.65 -17.96
C GLY D 135 13.93 13.24 -18.27
N GLU D 136 14.76 12.50 -19.00
CA GLU D 136 14.45 11.12 -19.35
C GLU D 136 13.92 10.33 -18.18
N ARG D 137 14.60 10.45 -17.05
CA ARG D 137 14.24 9.74 -15.83
C ARG D 137 12.76 9.85 -15.46
N VAL D 138 12.07 10.84 -16.01
CA VAL D 138 10.66 11.08 -15.69
C VAL D 138 9.68 10.73 -16.81
N ALA D 139 10.20 10.17 -17.90
CA ALA D 139 9.36 9.82 -19.03
C ALA D 139 8.23 8.86 -18.65
N GLU D 140 8.57 7.86 -17.85
CA GLU D 140 7.56 6.90 -17.44
C GLU D 140 6.37 7.59 -16.77
N GLN D 141 6.66 8.53 -15.88
CA GLN D 141 5.61 9.26 -15.19
C GLN D 141 4.79 10.09 -16.16
N ILE D 142 5.47 10.81 -17.04
CA ILE D 142 4.76 11.64 -18.01
C ILE D 142 3.85 10.78 -18.87
N ALA D 143 4.32 9.61 -19.26
CA ALA D 143 3.53 8.70 -20.08
C ALA D 143 2.26 8.24 -19.36
N CYS D 144 2.40 7.81 -18.11
CA CYS D 144 1.23 7.35 -17.35
C CYS D 144 0.17 8.43 -17.28
N LEU D 145 0.56 9.64 -16.83
CA LEU D 145 -0.40 10.75 -16.72
C LEU D 145 -1.05 11.05 -18.05
N THR D 146 -0.22 11.24 -19.07
CA THR D 146 -0.70 11.55 -20.41
C THR D 146 -1.69 10.51 -20.87
N ALA D 147 -1.38 9.25 -20.65
CA ALA D 147 -2.29 8.19 -21.04
C ALA D 147 -3.56 8.20 -20.22
N ALA D 148 -3.48 8.75 -19.00
CA ALA D 148 -4.63 8.80 -18.13
C ALA D 148 -5.54 9.92 -18.55
N GLY D 149 -5.06 10.76 -19.47
CA GLY D 149 -5.86 11.89 -19.94
C GLY D 149 -5.49 13.18 -19.22
N ILE D 150 -4.33 13.20 -18.57
CA ILE D 150 -3.88 14.39 -17.86
C ILE D 150 -2.81 15.12 -18.65
N PRO D 151 -3.11 16.35 -19.08
CA PRO D 151 -2.17 17.16 -19.85
C PRO D 151 -0.93 17.42 -19.01
N VAL D 152 0.24 17.11 -19.55
CA VAL D 152 1.48 17.33 -18.82
C VAL D 152 2.42 18.29 -19.50
N MET D 153 2.87 19.30 -18.76
CA MET D 153 3.82 20.26 -19.28
C MET D 153 5.15 19.81 -18.71
N ALA D 154 6.11 19.49 -19.58
CA ALA D 154 7.40 19.06 -19.12
C ALA D 154 8.27 20.23 -18.72
N HIS D 155 9.39 19.94 -18.09
CA HIS D 155 10.30 20.97 -17.62
C HIS D 155 11.70 20.38 -17.59
N ILE D 156 12.55 20.82 -18.52
CA ILE D 156 13.91 20.33 -18.61
C ILE D 156 14.91 21.47 -18.44
N GLY D 157 16.14 21.13 -18.09
CA GLY D 157 17.15 22.15 -17.90
C GLY D 157 18.50 21.77 -18.46
N PHE D 158 19.49 22.61 -18.17
CA PHE D 158 20.85 22.42 -18.63
C PHE D 158 21.77 22.44 -17.43
N THR D 159 22.46 21.32 -17.18
CA THR D 159 23.37 21.24 -16.04
C THR D 159 24.77 20.81 -16.47
N PRO D 160 25.68 21.78 -16.69
CA PRO D 160 27.06 21.52 -17.11
C PRO D 160 27.75 20.39 -16.34
N GLY D 175 28.96 20.83 -22.61
CA GLY D 175 29.42 19.65 -23.33
C GLY D 175 28.38 18.54 -23.39
N ASP D 176 28.63 17.43 -22.69
CA ASP D 176 27.69 16.33 -22.66
C ASP D 176 26.34 16.83 -22.17
N ALA D 177 26.38 17.90 -21.39
CA ALA D 177 25.18 18.50 -20.84
C ALA D 177 24.18 18.80 -21.95
N ALA D 178 24.63 19.46 -23.00
CA ALA D 178 23.76 19.81 -24.12
C ALA D 178 23.13 18.56 -24.73
N GLU D 179 23.87 17.45 -24.70
CA GLU D 179 23.36 16.20 -25.23
C GLU D 179 22.17 15.75 -24.40
N GLN D 180 22.37 15.73 -23.08
CA GLN D 180 21.33 15.31 -22.15
C GLN D 180 20.08 16.17 -22.26
N THR D 181 20.27 17.48 -22.33
CA THR D 181 19.17 18.40 -22.47
C THR D 181 18.34 17.96 -23.66
N ILE D 182 19.03 17.67 -24.76
CA ILE D 182 18.40 17.23 -26.00
C ILE D 182 17.67 15.91 -25.78
N ALA D 183 18.36 14.96 -25.15
CA ALA D 183 17.77 13.66 -24.86
C ALA D 183 16.50 13.86 -24.05
N ASP D 184 16.56 14.75 -23.06
CA ASP D 184 15.42 15.03 -22.20
C ASP D 184 14.28 15.64 -23.01
N ALA D 185 14.60 16.63 -23.82
CA ALA D 185 13.61 17.29 -24.65
C ALA D 185 12.89 16.25 -25.51
N ILE D 186 13.66 15.33 -26.07
CA ILE D 186 13.11 14.28 -26.92
C ILE D 186 12.24 13.31 -26.13
N ALA D 187 12.84 12.72 -25.09
CA ALA D 187 12.15 11.78 -24.23
C ALA D 187 10.84 12.33 -23.67
N VAL D 188 10.93 13.54 -23.14
CA VAL D 188 9.79 14.22 -22.55
C VAL D 188 8.64 14.36 -23.54
N ALA D 189 8.95 14.74 -24.77
CA ALA D 189 7.92 14.91 -25.80
C ALA D 189 7.36 13.56 -26.21
N GLU D 190 8.25 12.58 -26.32
CA GLU D 190 7.84 11.22 -26.67
C GLU D 190 6.86 10.72 -25.64
N ALA D 191 7.09 11.05 -24.37
CA ALA D 191 6.23 10.62 -23.27
C ALA D 191 4.81 11.17 -23.37
N GLY D 192 4.64 12.26 -24.11
CA GLY D 192 3.31 12.83 -24.28
C GLY D 192 3.12 14.27 -23.86
N ALA D 193 4.13 14.90 -23.29
CA ALA D 193 4.03 16.29 -22.86
C ALA D 193 3.48 17.17 -23.98
N PHE D 194 2.49 18.01 -23.66
CA PHE D 194 1.91 18.89 -24.66
C PHE D 194 2.77 20.13 -24.88
N ALA D 195 3.78 20.28 -24.03
CA ALA D 195 4.68 21.40 -24.11
C ALA D 195 5.84 21.17 -23.16
N VAL D 196 6.90 21.95 -23.28
CA VAL D 196 8.03 21.76 -22.39
C VAL D 196 8.71 23.08 -22.04
N VAL D 197 9.08 23.20 -20.77
CA VAL D 197 9.73 24.40 -20.27
C VAL D 197 11.25 24.20 -20.30
N MET D 198 11.95 25.16 -20.87
CA MET D 198 13.39 25.15 -20.93
C MET D 198 13.91 26.23 -20.04
N GLU D 199 14.46 25.84 -18.90
CA GLU D 199 14.95 26.80 -17.92
C GLU D 199 16.46 26.80 -17.82
N MET D 200 17.05 27.98 -17.98
CA MET D 200 18.49 28.16 -17.90
C MET D 200 19.18 27.32 -18.97
N VAL D 201 18.64 27.37 -20.17
CA VAL D 201 19.19 26.63 -21.30
C VAL D 201 19.85 27.58 -22.30
N PRO D 202 21.10 27.29 -22.67
CA PRO D 202 21.84 28.13 -23.63
C PRO D 202 20.97 28.43 -24.85
N ALA D 203 20.73 29.72 -25.08
CA ALA D 203 19.89 30.18 -26.20
C ALA D 203 20.11 29.41 -27.49
N GLU D 204 21.37 29.11 -27.81
CA GLU D 204 21.69 28.37 -29.03
C GLU D 204 21.02 27.01 -29.02
N LEU D 205 21.32 26.23 -27.98
CA LEU D 205 20.77 24.89 -27.82
C LEU D 205 19.25 24.98 -27.81
N ALA D 206 18.74 25.96 -27.07
CA ALA D 206 17.30 26.15 -26.97
C ALA D 206 16.70 26.32 -28.36
N THR D 207 17.26 27.27 -29.12
CA THR D 207 16.78 27.56 -30.47
C THR D 207 16.54 26.29 -31.27
N GLN D 208 17.56 25.44 -31.30
CA GLN D 208 17.50 24.19 -32.01
C GLN D 208 16.38 23.29 -31.48
N ILE D 209 16.47 22.95 -30.20
CA ILE D 209 15.46 22.11 -29.57
C ILE D 209 14.08 22.62 -29.95
N THR D 210 13.89 23.93 -29.89
CA THR D 210 12.59 24.51 -30.23
C THR D 210 12.21 24.11 -31.64
N GLY D 211 13.16 24.24 -32.56
CA GLY D 211 12.90 23.89 -33.94
C GLY D 211 12.78 22.39 -34.15
N LYS D 212 13.46 21.61 -33.33
CA LYS D 212 13.43 20.16 -33.46
C LYS D 212 12.20 19.47 -32.84
N LEU D 213 11.54 20.12 -31.90
CA LEU D 213 10.37 19.53 -31.26
C LEU D 213 9.07 19.92 -31.95
N THR D 214 8.08 19.04 -31.87
CA THR D 214 6.78 19.29 -32.48
C THR D 214 5.93 20.09 -31.51
N ILE D 215 6.19 19.91 -30.23
CA ILE D 215 5.45 20.61 -29.18
C ILE D 215 6.11 21.95 -28.85
N PRO D 216 5.32 22.91 -28.34
CA PRO D 216 5.79 24.24 -27.98
C PRO D 216 6.86 24.19 -26.88
N THR D 217 7.80 25.12 -26.92
CA THR D 217 8.84 25.20 -25.91
C THR D 217 8.61 26.52 -25.18
N VAL D 218 8.55 26.47 -23.86
CA VAL D 218 8.35 27.69 -23.08
C VAL D 218 9.64 27.99 -22.35
N GLY D 219 10.23 29.14 -22.66
CA GLY D 219 11.47 29.47 -22.03
C GLY D 219 11.45 30.51 -20.93
N ILE D 220 12.47 30.39 -20.09
CA ILE D 220 12.72 31.30 -19.00
C ILE D 220 14.24 31.24 -18.88
N GLY D 221 14.90 32.26 -19.42
CA GLY D 221 16.35 32.27 -19.41
C GLY D 221 16.78 31.20 -20.40
N ALA D 222 16.03 31.09 -21.49
CA ALA D 222 16.32 30.10 -22.51
C ALA D 222 16.60 30.76 -23.85
N GLY D 223 16.48 32.09 -23.89
CA GLY D 223 16.73 32.79 -25.12
C GLY D 223 15.40 33.17 -25.73
N PRO D 224 15.40 33.93 -26.83
CA PRO D 224 14.19 34.39 -27.53
C PRO D 224 13.58 33.35 -28.47
N ASN D 225 14.31 32.29 -28.77
CA ASN D 225 13.80 31.30 -29.68
C ASN D 225 13.05 30.15 -29.05
N CYS D 226 11.90 30.48 -28.47
CA CYS D 226 11.04 29.52 -27.82
C CYS D 226 9.62 29.89 -28.21
N ASP D 227 8.77 28.89 -28.42
CA ASP D 227 7.39 29.13 -28.81
C ASP D 227 6.63 30.03 -27.84
N GLY D 228 7.13 30.11 -26.62
CA GLY D 228 6.50 30.93 -25.59
C GLY D 228 7.49 31.27 -24.49
N GLN D 229 7.10 32.21 -23.64
CA GLN D 229 7.96 32.64 -22.53
C GLN D 229 7.23 32.55 -21.20
N VAL D 230 7.99 32.37 -20.13
CA VAL D 230 7.41 32.30 -18.80
C VAL D 230 8.27 33.01 -17.75
N LEU D 231 7.61 33.74 -16.87
CA LEU D 231 8.28 34.45 -15.79
C LEU D 231 7.46 34.39 -14.51
N VAL D 232 8.13 34.48 -13.38
CA VAL D 232 7.45 34.50 -12.08
C VAL D 232 6.94 35.95 -11.99
N TRP D 233 5.62 36.12 -11.92
CA TRP D 233 5.07 37.47 -11.90
C TRP D 233 5.69 38.40 -10.87
N GLN D 234 6.15 37.85 -9.76
CA GLN D 234 6.78 38.65 -8.71
C GLN D 234 7.99 39.39 -9.29
N ASP D 235 8.76 38.71 -10.12
CA ASP D 235 9.94 39.31 -10.74
C ASP D 235 9.52 40.23 -11.89
N MET D 236 8.59 39.74 -12.70
CA MET D 236 8.09 40.49 -13.84
C MET D 236 7.58 41.88 -13.43
N ALA D 237 6.99 41.97 -12.26
CA ALA D 237 6.43 43.24 -11.78
C ALA D 237 7.16 43.86 -10.60
N GLY D 238 8.40 43.43 -10.36
CA GLY D 238 9.15 43.96 -9.24
C GLY D 238 8.33 43.96 -7.96
N PHE D 239 8.06 42.76 -7.43
CA PHE D 239 7.26 42.62 -6.22
C PHE D 239 8.08 41.90 -5.16
N SER D 240 9.22 41.35 -5.57
CA SER D 240 10.08 40.64 -4.64
C SER D 240 11.50 41.18 -4.76
N GLY D 241 12.08 41.56 -3.64
CA GLY D 241 13.43 42.09 -3.63
C GLY D 241 13.65 43.16 -4.70
N ALA D 242 14.91 43.43 -5.01
CA ALA D 242 15.24 44.42 -6.02
C ALA D 242 16.23 43.81 -7.03
N LYS D 243 16.71 42.62 -6.71
CA LYS D 243 17.67 41.93 -7.56
C LYS D 243 17.03 41.21 -8.75
N THR D 244 16.82 41.93 -9.84
CA THR D 244 16.27 41.30 -11.04
C THR D 244 17.42 40.61 -11.77
N ALA D 245 17.38 39.28 -11.85
CA ALA D 245 18.42 38.50 -12.52
C ALA D 245 18.46 38.81 -14.02
N ARG D 246 19.48 38.27 -14.69
CA ARG D 246 19.65 38.50 -16.11
C ARG D 246 18.48 38.12 -17.00
N PHE D 247 17.97 36.91 -16.83
CA PHE D 247 16.87 36.44 -17.67
C PHE D 247 15.51 37.11 -17.40
N VAL D 248 15.47 37.97 -16.39
CA VAL D 248 14.22 38.64 -16.04
C VAL D 248 14.23 40.12 -16.41
N LYS D 249 13.13 40.57 -17.00
CA LYS D 249 13.01 41.98 -17.35
C LYS D 249 11.97 42.57 -16.41
N ARG D 250 12.35 43.61 -15.67
CA ARG D 250 11.46 44.26 -14.72
C ARG D 250 10.49 45.20 -15.46
N TYR D 251 9.27 44.73 -15.70
CA TYR D 251 8.27 45.54 -16.41
C TYR D 251 7.58 46.59 -15.55
N ALA D 252 7.94 46.67 -14.28
CA ALA D 252 7.33 47.64 -13.38
C ALA D 252 7.87 47.51 -11.96
N ASP D 253 7.37 48.36 -11.07
CA ASP D 253 7.75 48.34 -9.68
C ASP D 253 6.47 48.30 -8.87
N VAL D 254 5.67 47.26 -9.12
CA VAL D 254 4.41 47.10 -8.43
C VAL D 254 4.64 46.98 -6.93
N GLY D 255 5.77 46.40 -6.56
CA GLY D 255 6.09 46.26 -5.15
C GLY D 255 6.28 47.62 -4.53
N GLY D 256 7.13 48.43 -5.15
CA GLY D 256 7.39 49.77 -4.65
C GLY D 256 6.10 50.58 -4.55
N GLU D 257 5.29 50.50 -5.60
CA GLU D 257 4.01 51.22 -5.63
C GLU D 257 3.18 50.85 -4.42
N LEU D 258 3.28 49.60 -3.99
CA LEU D 258 2.53 49.13 -2.84
C LEU D 258 3.13 49.68 -1.56
N ARG D 259 4.44 49.91 -1.55
CA ARG D 259 5.07 50.44 -0.36
C ARG D 259 4.56 51.82 -0.02
N ARG D 260 4.48 52.73 -0.99
CA ARG D 260 3.97 54.06 -0.67
C ARG D 260 2.53 53.97 -0.26
N ALA D 261 1.72 53.30 -1.07
CA ALA D 261 0.31 53.14 -0.77
C ALA D 261 0.14 52.83 0.71
N ALA D 262 0.98 51.92 1.20
CA ALA D 262 0.96 51.52 2.60
C ALA D 262 1.48 52.65 3.49
N MET D 263 2.63 53.19 3.11
CA MET D 263 3.24 54.27 3.87
C MET D 263 2.33 55.48 3.94
N GLN D 264 1.73 55.86 2.81
CA GLN D 264 0.84 57.00 2.82
C GLN D 264 -0.38 56.70 3.69
N TYR D 265 -0.94 55.52 3.52
CA TYR D 265 -2.09 55.09 4.30
C TYR D 265 -1.77 55.25 5.78
N ALA D 266 -0.61 54.74 6.19
CA ALA D 266 -0.17 54.81 7.57
C ALA D 266 -0.11 56.24 8.09
N GLN D 267 0.53 57.12 7.33
CA GLN D 267 0.66 58.51 7.74
C GLN D 267 -0.69 59.22 7.86
N GLU D 268 -1.58 58.98 6.91
CA GLU D 268 -2.91 59.58 6.94
C GLU D 268 -3.68 59.11 8.18
N VAL D 269 -3.45 57.86 8.56
CA VAL D 269 -4.11 57.30 9.73
C VAL D 269 -3.59 58.06 10.95
N ALA D 270 -2.27 58.21 11.01
CA ALA D 270 -1.61 58.90 12.10
C ALA D 270 -2.03 60.36 12.09
N GLY D 271 -2.23 60.91 10.89
CA GLY D 271 -2.61 62.31 10.76
C GLY D 271 -4.09 62.57 10.87
N GLY D 272 -4.84 61.53 11.20
CA GLY D 272 -6.28 61.68 11.31
C GLY D 272 -6.94 62.05 10.00
N VAL D 273 -6.17 62.11 8.91
CA VAL D 273 -6.73 62.46 7.60
C VAL D 273 -7.59 61.28 7.11
N PHE D 274 -7.22 60.08 7.53
CA PHE D 274 -8.00 58.88 7.20
C PHE D 274 -8.33 58.12 8.49
N PRO D 275 -9.58 57.66 8.62
CA PRO D 275 -10.61 57.86 7.60
C PRO D 275 -11.23 59.24 7.65
N ALA D 276 -11.80 59.67 6.53
CA ALA D 276 -12.46 60.96 6.46
C ALA D 276 -13.91 60.70 6.85
N ASP D 277 -14.82 61.53 6.34
CA ASP D 277 -16.22 61.35 6.66
C ASP D 277 -16.90 60.52 5.59
N GLU D 278 -16.45 60.69 4.34
CA GLU D 278 -16.99 59.92 3.22
C GLU D 278 -16.79 58.45 3.57
N HIS D 279 -15.99 58.20 4.60
CA HIS D 279 -15.70 56.87 5.09
C HIS D 279 -16.41 56.64 6.42
N ARG E 18 -42.08 -9.07 -13.35
CA ARG E 18 -41.65 -9.57 -14.65
C ARG E 18 -40.16 -9.97 -14.63
N THR E 19 -39.51 -9.90 -15.79
CA THR E 19 -38.10 -10.31 -15.92
C THR E 19 -37.04 -9.25 -15.61
N LYS E 20 -36.02 -9.64 -14.86
CA LYS E 20 -34.92 -8.74 -14.52
C LYS E 20 -33.85 -8.87 -15.58
N ILE E 21 -33.61 -7.78 -16.31
CA ILE E 21 -32.61 -7.78 -17.36
C ILE E 21 -31.23 -8.18 -16.85
N ARG E 22 -30.57 -9.06 -17.59
CA ARG E 22 -29.23 -9.54 -17.26
C ARG E 22 -28.40 -9.29 -18.49
N THR E 23 -27.08 -9.34 -18.35
CA THR E 23 -26.22 -9.09 -19.49
C THR E 23 -26.48 -10.02 -20.67
N HIS E 24 -26.73 -11.31 -20.41
CA HIS E 24 -26.96 -12.23 -21.52
C HIS E 24 -28.13 -11.79 -22.39
N HIS E 25 -29.10 -11.10 -21.79
CA HIS E 25 -30.25 -10.61 -22.55
C HIS E 25 -29.79 -9.68 -23.67
N LEU E 26 -28.84 -8.80 -23.35
CA LEU E 26 -28.32 -7.87 -24.34
C LEU E 26 -27.66 -8.64 -25.47
N GLN E 27 -27.05 -9.77 -25.13
CA GLN E 27 -26.39 -10.59 -26.13
C GLN E 27 -27.46 -11.23 -27.03
N ARG E 28 -28.47 -11.82 -26.41
CA ARG E 28 -29.55 -12.45 -27.18
C ARG E 28 -30.13 -11.42 -28.14
N TRP E 29 -30.42 -10.23 -27.61
CA TRP E 29 -31.00 -9.17 -28.42
C TRP E 29 -30.14 -8.80 -29.63
N LYS E 30 -28.82 -8.89 -29.51
CA LYS E 30 -27.97 -8.56 -30.65
C LYS E 30 -28.23 -9.63 -31.70
N ALA E 31 -28.42 -10.86 -31.23
CA ALA E 31 -28.69 -11.99 -32.10
C ALA E 31 -30.05 -11.83 -32.80
N ASP E 32 -31.09 -11.58 -32.00
CA ASP E 32 -32.42 -11.41 -32.55
C ASP E 32 -32.61 -10.09 -33.28
N GLY E 33 -31.56 -9.27 -33.27
CA GLY E 33 -31.65 -7.98 -33.94
C GLY E 33 -32.53 -6.95 -33.23
N HIS E 34 -32.73 -7.15 -31.94
CA HIS E 34 -33.54 -6.24 -31.14
C HIS E 34 -32.71 -5.06 -30.64
N LYS E 35 -33.06 -3.87 -31.11
CA LYS E 35 -32.35 -2.66 -30.71
C LYS E 35 -32.94 -2.14 -29.41
N TRP E 36 -32.17 -2.23 -28.33
CA TRP E 36 -32.61 -1.79 -27.01
C TRP E 36 -32.13 -0.38 -26.64
N ALA E 37 -32.87 0.23 -25.72
CA ALA E 37 -32.58 1.59 -25.29
C ALA E 37 -32.02 1.67 -23.88
N MET E 38 -30.97 2.47 -23.72
CA MET E 38 -30.34 2.67 -22.42
C MET E 38 -30.50 4.13 -22.04
N LEU E 39 -30.90 4.35 -20.80
CA LEU E 39 -31.10 5.70 -20.31
C LEU E 39 -30.25 5.92 -19.08
N THR E 40 -29.77 7.14 -18.93
CA THR E 40 -28.97 7.50 -17.78
C THR E 40 -29.93 7.79 -16.63
N ALA E 41 -29.55 7.49 -15.40
CA ALA E 41 -30.41 7.73 -14.24
C ALA E 41 -29.55 8.03 -13.02
N TYR E 42 -30.03 8.90 -12.12
CA TYR E 42 -29.22 9.26 -10.97
C TYR E 42 -29.93 9.32 -9.64
N ASP E 43 -31.18 8.86 -9.58
CA ASP E 43 -31.88 8.85 -8.31
C ASP E 43 -33.02 7.83 -8.31
N TYR E 44 -33.52 7.55 -7.12
CA TYR E 44 -34.59 6.57 -6.94
C TYR E 44 -35.86 6.83 -7.74
N SER E 45 -36.42 8.02 -7.62
CA SER E 45 -37.66 8.38 -8.31
C SER E 45 -37.55 8.29 -9.83
N THR E 46 -36.41 8.74 -10.37
CA THR E 46 -36.22 8.69 -11.80
C THR E 46 -36.13 7.24 -12.25
N ALA E 47 -35.32 6.47 -11.56
CA ALA E 47 -35.15 5.06 -11.90
C ALA E 47 -36.49 4.33 -11.85
N ARG E 48 -37.27 4.61 -10.81
CA ARG E 48 -38.58 3.97 -10.67
C ARG E 48 -39.40 4.20 -11.95
N ILE E 49 -39.40 5.44 -12.43
CA ILE E 49 -40.14 5.79 -13.63
C ILE E 49 -39.63 5.03 -14.84
N PHE E 50 -38.33 5.10 -15.10
CA PHE E 50 -37.77 4.40 -16.25
C PHE E 50 -37.98 2.89 -16.15
N ASP E 51 -38.00 2.37 -14.93
CA ASP E 51 -38.20 0.93 -14.75
C ASP E 51 -39.62 0.57 -15.16
N GLU E 52 -40.60 1.29 -14.63
CA GLU E 52 -41.98 1.01 -14.99
C GLU E 52 -42.32 1.55 -16.39
N ALA E 53 -41.30 2.04 -17.08
CA ALA E 53 -41.46 2.54 -18.43
C ALA E 53 -40.85 1.51 -19.34
N GLY E 54 -40.29 0.47 -18.74
CA GLY E 54 -39.70 -0.60 -19.52
C GLY E 54 -38.22 -0.48 -19.91
N ILE E 55 -37.55 0.59 -19.53
CA ILE E 55 -36.13 0.71 -19.89
C ILE E 55 -35.38 -0.47 -19.27
N PRO E 56 -34.67 -1.26 -20.10
CA PRO E 56 -33.92 -2.43 -19.66
C PRO E 56 -32.58 -2.15 -18.98
N VAL E 57 -31.90 -1.10 -19.41
CA VAL E 57 -30.61 -0.78 -18.84
C VAL E 57 -30.49 0.66 -18.37
N LEU E 58 -30.04 0.84 -17.13
CA LEU E 58 -29.87 2.17 -16.55
C LEU E 58 -28.40 2.45 -16.26
N LEU E 59 -27.95 3.64 -16.64
CA LEU E 59 -26.56 4.05 -16.43
C LEU E 59 -26.40 5.20 -15.44
N VAL E 60 -25.82 4.91 -14.28
CA VAL E 60 -25.58 5.95 -13.29
C VAL E 60 -24.25 6.51 -13.77
N GLY E 61 -24.32 7.37 -14.77
CA GLY E 61 -23.14 7.96 -15.38
C GLY E 61 -22.41 9.04 -14.61
N ASP E 62 -21.15 9.29 -15.00
CA ASP E 62 -20.34 10.32 -14.37
C ASP E 62 -20.85 11.65 -14.92
N SER E 63 -21.82 11.55 -15.84
CA SER E 63 -22.42 12.73 -16.44
C SER E 63 -23.21 13.40 -15.33
N ALA E 64 -23.40 12.68 -14.22
CA ALA E 64 -24.11 13.20 -13.07
C ALA E 64 -23.36 14.42 -12.54
N ALA E 65 -22.06 14.45 -12.84
CA ALA E 65 -21.19 15.54 -12.44
C ALA E 65 -21.80 16.87 -12.86
N ASN E 66 -22.35 16.89 -14.07
CA ASN E 66 -22.97 18.09 -14.61
C ASN E 66 -24.40 18.21 -14.15
N VAL E 67 -25.27 17.32 -14.63
CA VAL E 67 -26.69 17.38 -14.31
C VAL E 67 -27.07 17.26 -12.85
N VAL E 68 -26.26 16.57 -12.05
CA VAL E 68 -26.59 16.44 -10.64
C VAL E 68 -25.87 17.43 -9.74
N TYR E 69 -24.56 17.55 -9.93
CA TYR E 69 -23.77 18.42 -9.06
C TYR E 69 -23.35 19.78 -9.60
N GLY E 70 -23.62 20.04 -10.87
CA GLY E 70 -23.27 21.34 -11.41
C GLY E 70 -21.81 21.57 -11.76
N TYR E 71 -21.04 20.50 -11.89
CA TYR E 71 -19.64 20.64 -12.27
C TYR E 71 -19.67 20.89 -13.77
N ASP E 72 -18.76 21.70 -14.27
CA ASP E 72 -18.77 21.96 -15.70
C ASP E 72 -17.98 20.88 -16.44
N THR E 73 -17.55 19.87 -15.70
CA THR E 73 -16.79 18.77 -16.25
C THR E 73 -17.07 17.49 -15.48
N THR E 74 -16.50 16.38 -15.94
CA THR E 74 -16.69 15.10 -15.30
C THR E 74 -15.40 14.71 -14.62
N VAL E 75 -14.51 15.68 -14.49
CA VAL E 75 -13.22 15.44 -13.88
C VAL E 75 -13.26 15.44 -12.37
N PRO E 76 -14.03 16.36 -11.77
CA PRO E 76 -14.12 16.44 -10.32
C PRO E 76 -14.97 15.42 -9.56
N ILE E 77 -16.01 14.90 -10.18
CA ILE E 77 -16.88 13.96 -9.47
C ILE E 77 -16.14 12.78 -8.85
N SER E 78 -16.47 12.48 -7.60
CA SER E 78 -15.82 11.40 -6.86
C SER E 78 -16.69 10.16 -6.70
N ILE E 79 -16.04 9.05 -6.37
CA ILE E 79 -16.76 7.81 -6.16
C ILE E 79 -17.84 8.01 -5.12
N ASP E 80 -17.53 8.76 -4.07
CA ASP E 80 -18.51 8.98 -3.03
C ASP E 80 -19.72 9.81 -3.44
N GLU E 81 -19.57 10.57 -4.53
CA GLU E 81 -20.68 11.37 -5.01
C GLU E 81 -21.54 10.51 -5.93
N LEU E 82 -21.08 9.28 -6.18
CA LEU E 82 -21.80 8.37 -7.05
C LEU E 82 -22.43 7.17 -6.35
N ILE E 83 -21.65 6.46 -5.54
CA ILE E 83 -22.17 5.28 -4.84
C ILE E 83 -23.56 5.49 -4.19
N PRO E 84 -23.73 6.58 -3.43
CA PRO E 84 -25.06 6.75 -2.84
C PRO E 84 -26.16 6.92 -3.88
N LEU E 85 -25.82 7.47 -5.05
CA LEU E 85 -26.80 7.64 -6.12
C LEU E 85 -27.10 6.27 -6.74
N VAL E 86 -26.05 5.45 -6.89
CA VAL E 86 -26.21 4.13 -7.45
C VAL E 86 -27.17 3.34 -6.58
N ARG E 87 -26.95 3.38 -5.27
CA ARG E 87 -27.82 2.65 -4.36
C ARG E 87 -29.26 3.06 -4.61
N GLY E 88 -29.49 4.35 -4.79
CA GLY E 88 -30.84 4.85 -5.02
C GLY E 88 -31.41 4.29 -6.32
N VAL E 89 -30.61 4.37 -7.39
CA VAL E 89 -31.06 3.86 -8.67
C VAL E 89 -31.33 2.37 -8.60
N VAL E 90 -30.45 1.66 -7.90
CA VAL E 90 -30.62 0.22 -7.77
C VAL E 90 -31.95 -0.12 -7.10
N ARG E 91 -32.35 0.69 -6.14
CA ARG E 91 -33.60 0.47 -5.43
C ARG E 91 -34.81 0.83 -6.27
N GLY E 92 -34.65 1.77 -7.19
CA GLY E 92 -35.77 2.19 -8.00
C GLY E 92 -36.04 1.40 -9.26
N ALA E 93 -35.05 0.66 -9.75
CA ALA E 93 -35.23 -0.12 -10.97
C ALA E 93 -34.93 -1.61 -10.75
N PRO E 94 -35.86 -2.32 -10.10
CA PRO E 94 -35.75 -3.75 -9.79
C PRO E 94 -35.63 -4.65 -11.02
N HIS E 95 -36.07 -4.15 -12.17
CA HIS E 95 -36.01 -4.98 -13.37
C HIS E 95 -34.91 -4.58 -14.34
N ALA E 96 -34.31 -3.42 -14.11
CA ALA E 96 -33.26 -2.96 -15.00
C ALA E 96 -31.88 -3.48 -14.63
N LEU E 97 -30.99 -3.46 -15.62
CA LEU E 97 -29.61 -3.85 -15.42
C LEU E 97 -28.95 -2.51 -15.11
N VAL E 98 -28.58 -2.30 -13.85
CA VAL E 98 -27.97 -1.05 -13.45
C VAL E 98 -26.46 -1.04 -13.60
N VAL E 99 -25.96 -0.13 -14.42
CA VAL E 99 -24.52 0.01 -14.66
C VAL E 99 -23.96 1.25 -13.97
N ALA E 100 -22.91 1.06 -13.18
CA ALA E 100 -22.27 2.15 -12.48
C ALA E 100 -21.01 2.54 -13.23
N ASP E 101 -20.91 3.83 -13.56
CA ASP E 101 -19.77 4.38 -14.31
C ASP E 101 -18.63 4.69 -13.34
N LEU E 102 -17.41 4.27 -13.67
CA LEU E 102 -16.26 4.54 -12.83
C LEU E 102 -15.77 5.97 -13.08
N PRO E 103 -15.67 6.78 -12.01
CA PRO E 103 -15.23 8.18 -12.04
C PRO E 103 -13.80 8.35 -12.52
N PHE E 104 -13.50 9.53 -13.06
CA PHE E 104 -12.17 9.82 -13.55
C PHE E 104 -11.15 9.62 -12.44
N GLY E 105 -10.06 8.94 -12.77
CA GLY E 105 -9.02 8.72 -11.79
C GLY E 105 -9.12 7.45 -10.96
N SER E 106 -10.29 6.82 -10.95
CA SER E 106 -10.46 5.61 -10.14
C SER E 106 -9.97 4.28 -10.74
N TYR E 107 -9.54 4.29 -12.01
CA TYR E 107 -9.09 3.06 -12.67
C TYR E 107 -7.89 3.22 -13.59
N GLU E 108 -7.45 4.44 -13.79
CA GLU E 108 -6.35 4.65 -14.70
C GLU E 108 -5.03 4.13 -14.15
N ALA E 109 -4.93 4.00 -12.84
CA ALA E 109 -3.69 3.54 -12.22
C ALA E 109 -3.34 2.10 -12.56
N GLY E 110 -4.35 1.29 -12.83
CA GLY E 110 -4.11 -0.11 -13.15
C GLY E 110 -5.23 -1.00 -12.66
N PRO E 111 -5.11 -2.32 -12.85
CA PRO E 111 -6.13 -3.29 -12.43
C PRO E 111 -6.50 -3.24 -10.96
N THR E 112 -5.49 -3.25 -10.11
CA THR E 112 -5.72 -3.24 -8.67
C THR E 112 -6.65 -2.11 -8.26
N ALA E 113 -6.32 -0.90 -8.70
CA ALA E 113 -7.15 0.25 -8.38
C ALA E 113 -8.56 0.05 -8.94
N ALA E 114 -8.63 -0.19 -10.25
CA ALA E 114 -9.91 -0.39 -10.92
C ALA E 114 -10.76 -1.45 -10.24
N LEU E 115 -10.14 -2.56 -9.84
CA LEU E 115 -10.87 -3.64 -9.19
C LEU E 115 -11.44 -3.20 -7.86
N ALA E 116 -10.66 -2.48 -7.07
CA ALA E 116 -11.13 -2.00 -5.79
C ALA E 116 -12.33 -1.07 -5.99
N ALA E 117 -12.21 -0.15 -6.93
CA ALA E 117 -13.27 0.81 -7.22
C ALA E 117 -14.56 0.10 -7.65
N ALA E 118 -14.44 -0.80 -8.63
CA ALA E 118 -15.59 -1.54 -9.13
C ALA E 118 -16.22 -2.35 -8.01
N THR E 119 -15.39 -2.99 -7.20
CA THR E 119 -15.90 -3.79 -6.10
C THR E 119 -16.76 -2.95 -5.17
N ARG E 120 -16.41 -1.68 -5.01
CA ARG E 120 -17.18 -0.81 -4.14
C ARG E 120 -18.55 -0.59 -4.76
N PHE E 121 -18.56 -0.36 -6.07
CA PHE E 121 -19.82 -0.11 -6.75
C PHE E 121 -20.75 -1.29 -6.71
N LEU E 122 -20.21 -2.51 -6.64
CA LEU E 122 -21.06 -3.68 -6.59
C LEU E 122 -21.47 -4.01 -5.17
N LYS E 123 -20.50 -4.21 -4.29
CA LYS E 123 -20.79 -4.56 -2.90
C LYS E 123 -21.53 -3.48 -2.14
N ASP E 124 -21.17 -2.22 -2.41
CA ASP E 124 -21.79 -1.09 -1.73
C ASP E 124 -22.93 -0.48 -2.57
N GLY E 125 -22.59 -0.04 -3.77
CA GLY E 125 -23.58 0.56 -4.64
C GLY E 125 -24.70 -0.38 -5.04
N GLY E 126 -24.41 -1.67 -5.09
CA GLY E 126 -25.42 -2.64 -5.48
C GLY E 126 -25.57 -2.73 -6.98
N ALA E 127 -24.67 -2.10 -7.71
CA ALA E 127 -24.71 -2.13 -9.16
C ALA E 127 -24.55 -3.55 -9.68
N HIS E 128 -24.93 -3.77 -10.92
CA HIS E 128 -24.81 -5.10 -11.52
C HIS E 128 -23.58 -5.13 -12.41
N ALA E 129 -23.18 -3.97 -12.89
CA ALA E 129 -22.03 -3.86 -13.76
C ALA E 129 -21.47 -2.46 -13.67
N VAL E 130 -20.27 -2.27 -14.20
CA VAL E 130 -19.63 -0.96 -14.18
C VAL E 130 -19.20 -0.58 -15.60
N LYS E 131 -19.06 0.72 -15.86
CA LYS E 131 -18.62 1.21 -17.15
C LYS E 131 -17.24 1.81 -17.00
N LEU E 132 -16.28 1.30 -17.76
CA LEU E 132 -14.90 1.75 -17.71
C LEU E 132 -14.59 2.43 -19.04
N GLU E 133 -14.31 3.72 -19.01
CA GLU E 133 -14.02 4.45 -20.24
C GLU E 133 -12.55 4.31 -20.62
N GLY E 134 -12.31 3.99 -21.89
CA GLY E 134 -10.94 3.85 -22.36
C GLY E 134 -10.78 2.89 -23.53
N GLY E 135 -9.61 2.95 -24.17
CA GLY E 135 -9.32 2.07 -25.29
C GLY E 135 -8.36 0.96 -24.89
N GLU E 136 -7.46 0.60 -25.80
CA GLU E 136 -6.49 -0.45 -25.54
C GLU E 136 -5.83 -0.29 -24.18
N ARG E 137 -5.41 0.93 -23.88
CA ARG E 137 -4.74 1.24 -22.63
C ARG E 137 -5.45 0.74 -21.37
N VAL E 138 -6.74 0.42 -21.50
CA VAL E 138 -7.54 -0.04 -20.37
C VAL E 138 -7.90 -1.53 -20.39
N ALA E 139 -7.41 -2.25 -21.38
CA ALA E 139 -7.71 -3.67 -21.50
C ALA E 139 -7.33 -4.44 -20.25
N GLU E 140 -6.14 -4.16 -19.71
CA GLU E 140 -5.70 -4.87 -18.53
C GLU E 140 -6.73 -4.76 -17.40
N GLN E 141 -7.24 -3.55 -17.20
CA GLN E 141 -8.23 -3.33 -16.16
C GLN E 141 -9.51 -4.09 -16.44
N ILE E 142 -10.00 -4.00 -17.68
CA ILE E 142 -11.23 -4.68 -18.04
C ILE E 142 -11.07 -6.19 -17.82
N ALA E 143 -9.92 -6.73 -18.17
CA ALA E 143 -9.66 -8.15 -17.99
C ALA E 143 -9.73 -8.55 -16.50
N CYS E 144 -9.03 -7.81 -15.65
CA CYS E 144 -9.04 -8.13 -14.22
C CYS E 144 -10.46 -8.18 -13.67
N LEU E 145 -11.24 -7.11 -13.90
CA LEU E 145 -12.61 -7.06 -13.41
C LEU E 145 -13.43 -8.20 -13.95
N THR E 146 -13.41 -8.36 -15.27
CA THR E 146 -14.14 -9.43 -15.94
C THR E 146 -13.81 -10.78 -15.34
N ALA E 147 -12.52 -11.02 -15.12
CA ALA E 147 -12.10 -12.29 -14.54
C ALA E 147 -12.55 -12.41 -13.09
N ALA E 148 -12.75 -11.28 -12.44
CA ALA E 148 -13.18 -11.27 -11.04
C ALA E 148 -14.66 -11.58 -10.95
N GLY E 149 -15.32 -11.55 -12.10
CA GLY E 149 -16.75 -11.81 -12.13
C GLY E 149 -17.56 -10.53 -12.17
N ILE E 150 -16.90 -9.43 -12.52
CA ILE E 150 -17.58 -8.14 -12.60
C ILE E 150 -17.87 -7.77 -14.04
N PRO E 151 -19.16 -7.68 -14.40
CA PRO E 151 -19.55 -7.32 -15.75
C PRO E 151 -19.06 -5.92 -16.08
N VAL E 152 -18.35 -5.79 -17.19
CA VAL E 152 -17.81 -4.50 -17.58
C VAL E 152 -18.35 -4.02 -18.92
N MET E 153 -18.87 -2.80 -18.94
CA MET E 153 -19.35 -2.18 -20.17
C MET E 153 -18.23 -1.25 -20.61
N ALA E 154 -17.67 -1.48 -21.78
CA ALA E 154 -16.60 -0.63 -22.25
C ALA E 154 -17.16 0.67 -22.83
N HIS E 155 -16.25 1.61 -23.11
CA HIS E 155 -16.62 2.91 -23.63
C HIS E 155 -15.44 3.44 -24.43
N ILE E 156 -15.60 3.46 -25.75
CA ILE E 156 -14.55 3.94 -26.66
C ILE E 156 -15.06 5.13 -27.46
N GLY E 157 -14.12 5.91 -28.00
CA GLY E 157 -14.51 7.06 -28.77
C GLY E 157 -13.66 7.25 -30.01
N PHE E 158 -13.87 8.38 -30.67
CA PHE E 158 -13.14 8.72 -31.89
C PHE E 158 -12.49 10.09 -31.69
N THR E 159 -11.17 10.14 -31.76
CA THR E 159 -10.45 11.39 -31.59
C THR E 159 -9.50 11.66 -32.76
N PRO E 160 -9.96 12.46 -33.74
CA PRO E 160 -9.18 12.82 -34.92
C PRO E 160 -7.74 13.23 -34.61
N GLY E 175 -8.74 9.75 -39.86
CA GLY E 175 -7.63 9.00 -40.42
C GLY E 175 -7.18 7.85 -39.51
N ASP E 176 -5.97 7.97 -38.96
CA ASP E 176 -5.44 6.94 -38.05
C ASP E 176 -6.43 6.76 -36.89
N ALA E 177 -7.17 7.82 -36.60
CA ALA E 177 -8.14 7.80 -35.54
C ALA E 177 -9.09 6.61 -35.67
N ALA E 178 -9.65 6.43 -36.87
CA ALA E 178 -10.57 5.34 -37.12
C ALA E 178 -9.90 3.99 -36.85
N GLU E 179 -8.60 3.93 -37.09
CA GLU E 179 -7.86 2.69 -36.84
C GLU E 179 -7.89 2.41 -35.35
N GLN E 180 -7.48 3.42 -34.57
CA GLN E 180 -7.43 3.30 -33.12
C GLN E 180 -8.78 2.92 -32.52
N THR E 181 -9.84 3.58 -33.00
CA THR E 181 -11.19 3.29 -32.51
C THR E 181 -11.43 1.80 -32.67
N ILE E 182 -11.06 1.29 -33.84
CA ILE E 182 -11.21 -0.12 -34.16
C ILE E 182 -10.36 -0.98 -33.21
N ALA E 183 -9.09 -0.59 -33.06
CA ALA E 183 -8.19 -1.32 -32.17
C ALA E 183 -8.81 -1.36 -30.77
N ASP E 184 -9.35 -0.22 -30.33
CA ASP E 184 -9.97 -0.14 -29.02
C ASP E 184 -11.17 -1.05 -28.93
N ALA E 185 -12.04 -0.97 -29.94
CA ALA E 185 -13.23 -1.81 -29.96
C ALA E 185 -12.84 -3.28 -29.81
N ILE E 186 -11.81 -3.67 -30.55
CA ILE E 186 -11.32 -5.05 -30.52
C ILE E 186 -10.71 -5.41 -29.16
N ALA E 187 -9.73 -4.63 -28.72
CA ALA E 187 -9.06 -4.87 -27.45
C ALA E 187 -10.05 -4.94 -26.30
N VAL E 188 -10.96 -3.97 -26.26
CA VAL E 188 -11.96 -3.89 -25.20
C VAL E 188 -12.81 -5.16 -25.12
N ALA E 189 -13.23 -5.67 -26.27
CA ALA E 189 -14.06 -6.87 -26.31
C ALA E 189 -13.21 -8.07 -25.91
N GLU E 190 -11.97 -8.10 -26.38
CA GLU E 190 -11.05 -9.19 -26.06
C GLU E 190 -10.89 -9.25 -24.54
N ALA E 191 -10.83 -8.09 -23.91
CA ALA E 191 -10.65 -8.01 -22.47
C ALA E 191 -11.80 -8.62 -21.70
N GLY E 192 -12.96 -8.72 -22.32
CA GLY E 192 -14.11 -9.30 -21.65
C GLY E 192 -15.37 -8.47 -21.55
N ALA E 193 -15.31 -7.22 -22.00
CA ALA E 193 -16.49 -6.36 -21.93
C ALA E 193 -17.72 -7.05 -22.51
N PHE E 194 -18.84 -6.99 -21.79
CA PHE E 194 -20.07 -7.62 -22.27
C PHE E 194 -20.78 -6.73 -23.28
N ALA E 195 -20.29 -5.51 -23.43
CA ALA E 195 -20.86 -4.55 -24.36
C ALA E 195 -19.93 -3.35 -24.42
N VAL E 196 -20.12 -2.48 -25.42
CA VAL E 196 -19.27 -1.33 -25.54
C VAL E 196 -20.01 -0.10 -26.04
N VAL E 197 -19.69 1.04 -25.45
CA VAL E 197 -20.32 2.30 -25.82
C VAL E 197 -19.45 3.03 -26.83
N MET E 198 -20.08 3.46 -27.93
CA MET E 198 -19.37 4.21 -28.96
C MET E 198 -19.94 5.62 -28.92
N GLU E 199 -19.13 6.55 -28.41
CA GLU E 199 -19.54 7.93 -28.29
C GLU E 199 -18.80 8.85 -29.25
N MET E 200 -19.58 9.60 -30.03
CA MET E 200 -19.05 10.54 -31.01
C MET E 200 -18.19 9.81 -32.04
N VAL E 201 -18.74 8.69 -32.52
CA VAL E 201 -18.05 7.87 -33.51
C VAL E 201 -18.75 7.97 -34.85
N PRO E 202 -17.99 8.28 -35.92
CA PRO E 202 -18.54 8.40 -37.29
C PRO E 202 -19.44 7.20 -37.60
N ALA E 203 -20.71 7.49 -37.87
CA ALA E 203 -21.71 6.46 -38.17
C ALA E 203 -21.20 5.32 -39.05
N GLU E 204 -20.41 5.66 -40.07
CA GLU E 204 -19.86 4.66 -40.97
C GLU E 204 -18.99 3.66 -40.19
N LEU E 205 -17.98 4.21 -39.51
CA LEU E 205 -17.05 3.42 -38.71
C LEU E 205 -17.82 2.62 -37.68
N ALA E 206 -18.79 3.29 -37.04
CA ALA E 206 -19.60 2.65 -36.03
C ALA E 206 -20.31 1.43 -36.61
N THR E 207 -20.99 1.64 -37.73
CA THR E 207 -21.73 0.56 -38.41
C THR E 207 -20.89 -0.69 -38.51
N GLN E 208 -19.68 -0.53 -39.05
CA GLN E 208 -18.76 -1.64 -39.23
C GLN E 208 -18.42 -2.29 -37.91
N ILE E 209 -17.85 -1.50 -37.00
CA ILE E 209 -17.47 -2.00 -35.68
C ILE E 209 -18.62 -2.83 -35.11
N THR E 210 -19.83 -2.30 -35.21
CA THR E 210 -21.00 -2.99 -34.70
C THR E 210 -21.11 -4.37 -35.32
N GLY E 211 -20.95 -4.43 -36.64
CA GLY E 211 -21.02 -5.71 -37.33
C GLY E 211 -19.82 -6.59 -37.07
N LYS E 212 -18.67 -5.97 -36.79
CA LYS E 212 -17.45 -6.71 -36.55
C LYS E 212 -17.32 -7.29 -35.13
N LEU E 213 -18.01 -6.70 -34.16
CA LEU E 213 -17.93 -7.20 -32.79
C LEU E 213 -19.02 -8.22 -32.47
N THR E 214 -18.71 -9.12 -31.55
CA THR E 214 -19.64 -10.15 -31.13
C THR E 214 -20.56 -9.59 -30.05
N ILE E 215 -20.04 -8.63 -29.30
CA ILE E 215 -20.79 -8.00 -28.22
C ILE E 215 -21.56 -6.80 -28.74
N PRO E 216 -22.67 -6.46 -28.06
CA PRO E 216 -23.52 -5.34 -28.44
C PRO E 216 -22.76 -4.00 -28.38
N THR E 217 -23.13 -3.08 -29.26
CA THR E 217 -22.52 -1.75 -29.29
C THR E 217 -23.62 -0.76 -28.91
N VAL E 218 -23.36 0.09 -27.93
CA VAL E 218 -24.36 1.06 -27.53
C VAL E 218 -23.88 2.43 -27.96
N GLY E 219 -24.67 3.07 -28.83
CA GLY E 219 -24.25 4.35 -29.34
C GLY E 219 -24.95 5.58 -28.79
N ILE E 220 -24.22 6.68 -28.89
CA ILE E 220 -24.68 7.99 -28.50
C ILE E 220 -23.88 8.89 -29.45
N GLY E 221 -24.56 9.34 -30.50
CA GLY E 221 -23.90 10.15 -31.49
C GLY E 221 -22.95 9.22 -32.23
N ALA E 222 -23.42 7.99 -32.43
CA ALA E 222 -22.63 6.98 -33.12
C ALA E 222 -23.31 6.51 -34.38
N GLY E 223 -24.51 7.02 -34.63
CA GLY E 223 -25.23 6.62 -35.81
C GLY E 223 -26.30 5.64 -35.40
N PRO E 224 -27.15 5.20 -36.34
CA PRO E 224 -28.25 4.26 -36.09
C PRO E 224 -27.83 2.80 -36.09
N ASN E 225 -26.62 2.52 -36.58
CA ASN E 225 -26.18 1.14 -36.64
C ASN E 225 -25.42 0.65 -35.43
N CYS E 226 -26.14 0.56 -34.31
CA CYS E 226 -25.59 0.09 -33.06
C CYS E 226 -26.66 -0.80 -32.44
N ASP E 227 -26.22 -1.88 -31.79
CA ASP E 227 -27.15 -2.82 -31.16
C ASP E 227 -28.10 -2.15 -30.16
N GLY E 228 -27.68 -0.98 -29.65
CA GLY E 228 -28.50 -0.24 -28.71
C GLY E 228 -28.13 1.24 -28.69
N GLN E 229 -28.96 2.04 -28.05
CA GLN E 229 -28.72 3.49 -27.97
C GLN E 229 -28.73 3.96 -26.51
N VAL E 230 -28.01 5.06 -26.26
CA VAL E 230 -27.97 5.62 -24.92
C VAL E 230 -27.97 7.14 -24.94
N LEU E 231 -28.76 7.73 -24.04
CA LEU E 231 -28.85 9.17 -23.92
C LEU E 231 -28.95 9.58 -22.45
N VAL E 232 -28.49 10.79 -22.14
CA VAL E 232 -28.58 11.33 -20.79
C VAL E 232 -30.04 11.75 -20.67
N TRP E 233 -30.79 11.13 -19.77
CA TRP E 233 -32.21 11.45 -19.67
C TRP E 233 -32.54 12.94 -19.58
N GLN E 234 -31.63 13.73 -19.01
CA GLN E 234 -31.84 15.16 -18.91
C GLN E 234 -32.03 15.76 -20.30
N ASP E 235 -31.22 15.31 -21.26
CA ASP E 235 -31.32 15.80 -22.61
C ASP E 235 -32.53 15.20 -23.30
N MET E 236 -32.69 13.89 -23.15
CA MET E 236 -33.78 13.16 -23.75
C MET E 236 -35.14 13.78 -23.42
N ALA E 237 -35.29 14.31 -22.21
CA ALA E 237 -36.55 14.91 -21.81
C ALA E 237 -36.52 16.42 -21.62
N GLY E 238 -35.51 17.08 -22.19
CA GLY E 238 -35.39 18.53 -22.05
C GLY E 238 -35.53 18.97 -20.60
N PHE E 239 -34.53 18.64 -19.80
CA PHE E 239 -34.54 18.98 -18.38
C PHE E 239 -33.36 19.86 -18.06
N SER E 240 -32.42 19.94 -18.99
CA SER E 240 -31.23 20.74 -18.78
C SER E 240 -31.05 21.69 -19.95
N GLY E 241 -30.89 22.98 -19.64
CA GLY E 241 -30.71 23.98 -20.67
C GLY E 241 -31.69 23.83 -21.83
N ALA E 242 -31.29 24.35 -22.98
CA ALA E 242 -32.15 24.28 -24.17
C ALA E 242 -31.33 23.85 -25.38
N LYS E 243 -30.02 23.77 -25.21
CA LYS E 243 -29.12 23.39 -26.30
C LYS E 243 -29.04 21.89 -26.55
N THR E 244 -30.00 21.35 -27.31
CA THR E 244 -29.98 19.93 -27.63
C THR E 244 -28.99 19.76 -28.78
N ALA E 245 -27.88 19.07 -28.50
CA ALA E 245 -26.85 18.84 -29.51
C ALA E 245 -27.41 17.98 -30.65
N ARG E 246 -26.64 17.84 -31.72
CA ARG E 246 -27.07 17.08 -32.90
C ARG E 246 -27.48 15.65 -32.61
N PHE E 247 -26.64 14.94 -31.85
CA PHE E 247 -26.91 13.53 -31.55
C PHE E 247 -28.06 13.28 -30.57
N VAL E 248 -28.65 14.35 -30.03
CA VAL E 248 -29.74 14.21 -29.07
C VAL E 248 -31.09 14.62 -29.65
N LYS E 249 -32.10 13.80 -29.41
CA LYS E 249 -33.44 14.13 -29.88
C LYS E 249 -34.26 14.49 -28.65
N ARG E 250 -34.83 15.68 -28.63
CA ARG E 250 -35.63 16.14 -27.50
C ARG E 250 -37.03 15.51 -27.54
N TYR E 251 -37.24 14.46 -26.77
CA TYR E 251 -38.53 13.78 -26.75
C TYR E 251 -39.61 14.46 -25.93
N ALA E 252 -39.26 15.59 -25.32
CA ALA E 252 -40.22 16.32 -24.50
C ALA E 252 -39.57 17.54 -23.85
N ASP E 253 -40.37 18.26 -23.06
CA ASP E 253 -39.91 19.44 -22.35
C ASP E 253 -40.32 19.27 -20.90
N VAL E 254 -39.86 18.18 -20.30
CA VAL E 254 -40.17 17.88 -18.91
C VAL E 254 -39.68 19.01 -18.01
N GLY E 255 -38.57 19.62 -18.41
CA GLY E 255 -38.04 20.72 -17.63
C GLY E 255 -39.02 21.87 -17.63
N GLY E 256 -39.43 22.29 -18.82
CA GLY E 256 -40.37 23.39 -18.93
C GLY E 256 -41.64 23.09 -18.15
N GLU E 257 -42.16 21.88 -18.32
CA GLU E 257 -43.38 21.47 -17.63
C GLU E 257 -43.23 21.69 -16.13
N LEU E 258 -42.01 21.48 -15.63
CA LEU E 258 -41.74 21.66 -14.21
C LEU E 258 -41.69 23.13 -13.85
N ARG E 259 -41.27 23.96 -14.78
CA ARG E 259 -41.21 25.40 -14.52
C ARG E 259 -42.60 25.99 -14.23
N ARG E 260 -43.60 25.68 -15.06
CA ARG E 260 -44.92 26.23 -14.78
C ARG E 260 -45.43 25.65 -13.47
N ALA E 261 -45.39 24.33 -13.35
CA ALA E 261 -45.86 23.68 -12.13
C ALA E 261 -45.39 24.47 -10.92
N ALA E 262 -44.12 24.87 -10.96
CA ALA E 262 -43.52 25.64 -9.89
C ALA E 262 -44.08 27.04 -9.88
N MET E 263 -44.09 27.68 -11.05
CA MET E 263 -44.59 29.05 -11.17
C MET E 263 -46.06 29.14 -10.77
N GLN E 264 -46.86 28.19 -11.21
CA GLN E 264 -48.26 28.23 -10.85
C GLN E 264 -48.40 28.01 -9.35
N TYR E 265 -47.68 27.03 -8.82
CA TYR E 265 -47.70 26.75 -7.40
C TYR E 265 -47.41 28.03 -6.62
N ALA E 266 -46.36 28.73 -7.04
CA ALA E 266 -45.94 29.97 -6.39
C ALA E 266 -47.04 31.02 -6.38
N GLN E 267 -47.65 31.24 -7.54
CA GLN E 267 -48.72 32.23 -7.64
C GLN E 267 -49.93 31.88 -6.78
N GLU E 268 -50.33 30.61 -6.78
CA GLU E 268 -51.47 30.18 -5.98
C GLU E 268 -51.19 30.39 -4.51
N VAL E 269 -49.92 30.22 -4.13
CA VAL E 269 -49.52 30.42 -2.74
C VAL E 269 -49.70 31.89 -2.42
N ALA E 270 -49.21 32.72 -3.33
CA ALA E 270 -49.29 34.16 -3.18
C ALA E 270 -50.75 34.60 -3.22
N GLY E 271 -51.54 33.93 -4.04
CA GLY E 271 -52.95 34.27 -4.16
C GLY E 271 -53.84 33.61 -3.13
N GLY E 272 -53.24 32.96 -2.14
CA GLY E 272 -54.02 32.31 -1.11
C GLY E 272 -54.91 31.18 -1.64
N VAL E 273 -54.82 30.89 -2.93
CA VAL E 273 -55.62 29.82 -3.51
C VAL E 273 -55.11 28.47 -3.00
N PHE E 274 -53.81 28.42 -2.71
CA PHE E 274 -53.19 27.20 -2.15
C PHE E 274 -52.45 27.58 -0.88
N PRO E 275 -52.59 26.76 0.17
CA PRO E 275 -53.44 25.56 0.13
C PRO E 275 -54.92 25.88 0.28
N ALA E 276 -55.76 24.98 -0.20
CA ALA E 276 -57.20 25.14 -0.09
C ALA E 276 -57.60 24.50 1.24
N ASP E 277 -58.83 24.01 1.33
CA ASP E 277 -59.27 23.37 2.57
C ASP E 277 -59.08 21.85 2.48
N GLU E 278 -59.23 21.33 1.26
CA GLU E 278 -59.03 19.89 1.03
C GLU E 278 -57.59 19.57 1.45
N HIS E 279 -56.82 20.63 1.68
CA HIS E 279 -55.42 20.53 2.10
C HIS E 279 -55.32 20.95 3.56
#